data_5RMM
#
_entry.id   5RMM
#
_cell.length_a   59.009
_cell.length_b   70.028
_cell.length_c   85.753
_cell.angle_alpha   103.160
_cell.angle_beta   96.140
_cell.angle_gamma   112.250
#
_symmetry.space_group_name_H-M   'P 1'
#
loop_
_entity.id
_entity.type
_entity.pdbx_description
1 polymer Helicase
2 non-polymer 'ZINC ION'
3 non-polymer 'PHOSPHATE ION'
4 non-polymer '(3S,4R)-1-acetyl-4-phenylpyrrolidine-3-carboxylic acid'
5 water water
#
_entity_poly.entity_id   1
_entity_poly.type   'polypeptide(L)'
_entity_poly.pdbx_seq_one_letter_code
;AVGACVLCNSQTSLRCGACIRRPFLCCKCCYDHVISTSHKLVLSVNPYVCNAPGCDVTDVTQLYLGGMSYYCKSHKPPIS
FPLCANGQVFGLYKNTCVGSDNVTDFNAIATCDWTNAGDYILANTCTERLKLFAAETLKATEETFKLSYGIATVREVLSD
RELHLSWEVGKPRPPLNRNYVFTGYRVTKNSKVQIGEYTFEKGDYGDAVVYRGTTTYKLNVGDYFVLTSHTVMPLSAPTL
VPQEHYVRITGLYPTLNISDEFSSNVANYQKVGMQKYSTLQGPPGTGKSHFAIGLALYYPSARIVYTACSHAAVDALCEK
ALKYLPIDKCSRIIPARARVECFDKFKVNSTLEQYVFCTVNALPETTADIVVFDEISMATNYDLSVVNARLRAKHYVYIG
DPAQLPAPRTLLTKGTLEPEYFNSVCRLMKTIGPDMFLGTCRRCPAEIVDTVSALVYDNKLKAHKDKSAQCFKMFYKGVI
THDVSSAINRPQIGVVREFLTRNPAWRKAVFISPYNSQNAVASKILGLPTQTVDSSQGSEYDYVIFTQTTETAHSCNVNR
FNVAITRAKVGILCIMSDRDLYDKLQFTSLEIPRRNVATLQ
;
_entity_poly.pdbx_strand_id   A,B
#
loop_
_chem_comp.id
_chem_comp.type
_chem_comp.name
_chem_comp.formula
PO4 non-polymer 'PHOSPHATE ION' 'O4 P -3'
VXG non-polymer '(3S,4R)-1-acetyl-4-phenylpyrrolidine-3-carboxylic acid' 'C13 H15 N O3'
ZN non-polymer 'ZINC ION' 'Zn 2'
#
# COMPACT_ATOMS: atom_id res chain seq x y z
N ALA A 1 -9.47 -24.49 5.16
CA ALA A 1 -9.32 -25.74 5.96
C ALA A 1 -8.94 -26.92 5.07
N VAL A 2 -8.97 -26.76 3.74
CA VAL A 2 -8.53 -27.79 2.75
C VAL A 2 -7.43 -27.19 1.88
N GLY A 3 -6.35 -27.94 1.64
CA GLY A 3 -5.15 -27.50 0.90
C GLY A 3 -4.27 -28.67 0.49
N ALA A 4 -3.04 -28.38 0.05
CA ALA A 4 -2.07 -29.37 -0.48
C ALA A 4 -0.86 -29.49 0.47
N CYS A 5 -0.08 -30.57 0.32
CA CYS A 5 0.90 -31.09 1.28
C CYS A 5 2.28 -30.44 1.07
N VAL A 6 2.79 -29.69 2.05
CA VAL A 6 4.06 -28.92 1.93
C VAL A 6 5.25 -29.88 2.10
N LEU A 7 5.25 -30.97 1.32
CA LEU A 7 6.40 -31.89 1.09
C LEU A 7 6.23 -32.54 -0.28
N CYS A 8 5.03 -33.08 -0.56
CA CYS A 8 4.67 -33.89 -1.76
C CYS A 8 3.54 -33.24 -2.58
N ASN A 9 2.75 -32.33 -1.99
CA ASN A 9 1.70 -31.51 -2.68
C ASN A 9 0.39 -32.32 -2.83
N SER A 10 0.32 -33.56 -2.31
CA SER A 10 -0.95 -34.34 -2.18
C SER A 10 -2.00 -33.45 -1.50
N GLN A 11 -3.27 -33.59 -1.88
CA GLN A 11 -4.41 -32.85 -1.26
C GLN A 11 -4.62 -33.41 0.15
N THR A 12 -4.88 -32.54 1.15
CA THR A 12 -5.28 -32.92 2.52
C THR A 12 -6.00 -31.75 3.22
N SER A 13 -6.64 -32.07 4.35
CA SER A 13 -7.19 -31.12 5.35
C SER A 13 -6.26 -31.10 6.57
N LEU A 14 -5.36 -32.09 6.69
CA LEU A 14 -4.40 -32.30 7.80
C LEU A 14 -3.33 -31.20 7.84
N ARG A 15 -3.54 -30.17 8.66
CA ARG A 15 -2.47 -29.22 9.09
C ARG A 15 -1.73 -29.83 10.29
N CYS A 16 -0.55 -29.29 10.65
CA CYS A 16 0.08 -29.52 11.98
C CYS A 16 -0.33 -28.38 12.92
N GLY A 17 -1.03 -28.68 14.00
CA GLY A 17 -1.39 -27.66 15.01
C GLY A 17 -0.17 -27.22 15.80
N ALA A 18 0.90 -28.02 15.77
CA ALA A 18 2.10 -27.80 16.60
C ALA A 18 3.05 -26.83 15.87
N CYS A 19 3.38 -27.11 14.60
CA CYS A 19 4.10 -26.17 13.69
C CYS A 19 3.49 -24.74 13.76
N ILE A 20 4.32 -23.70 13.89
CA ILE A 20 3.88 -22.27 14.07
C ILE A 20 3.27 -21.72 12.76
N ARG A 21 3.43 -22.43 11.64
CA ARG A 21 2.80 -22.09 10.33
C ARG A 21 1.83 -23.20 9.89
N ARG A 22 1.09 -23.79 10.82
CA ARG A 22 -0.01 -24.76 10.56
C ARG A 22 0.05 -25.26 9.11
N PRO A 23 1.14 -25.95 8.73
CA PRO A 23 1.28 -26.43 7.37
C PRO A 23 0.39 -27.66 7.08
N PHE A 24 -0.30 -27.60 5.95
CA PHE A 24 -1.07 -28.69 5.31
C PHE A 24 -0.11 -29.84 4.97
N LEU A 25 -0.12 -30.94 5.73
CA LEU A 25 0.66 -32.18 5.44
C LEU A 25 -0.28 -33.28 4.94
N CYS A 26 0.17 -34.10 3.97
CA CYS A 26 -0.53 -35.34 3.53
C CYS A 26 -0.51 -36.35 4.68
N CYS A 27 -1.34 -37.37 4.58
CA CYS A 27 -1.58 -38.40 5.62
C CYS A 27 -0.29 -39.22 5.88
N LYS A 28 0.40 -39.68 4.85
CA LYS A 28 1.60 -40.57 5.00
C LYS A 28 2.73 -39.79 5.70
N CYS A 29 2.76 -38.47 5.51
CA CYS A 29 3.87 -37.57 5.92
C CYS A 29 3.54 -36.90 7.26
N CYS A 30 2.30 -36.40 7.44
CA CYS A 30 1.75 -35.92 8.75
C CYS A 30 2.02 -36.95 9.85
N TYR A 31 1.93 -38.24 9.52
CA TYR A 31 2.37 -39.37 10.37
C TYR A 31 3.86 -39.20 10.68
N ASP A 32 4.68 -39.21 9.64
CA ASP A 32 6.17 -39.25 9.75
C ASP A 32 6.65 -37.98 10.46
N HIS A 33 5.85 -36.89 10.51
CA HIS A 33 6.07 -35.68 11.36
C HIS A 33 5.79 -36.02 12.84
N VAL A 34 4.54 -36.40 13.16
CA VAL A 34 4.05 -36.51 14.58
C VAL A 34 4.77 -37.63 15.33
N ILE A 35 5.20 -38.69 14.65
CA ILE A 35 5.85 -39.87 15.31
C ILE A 35 7.36 -39.64 15.46
N SER A 36 7.90 -38.58 14.86
CA SER A 36 9.36 -38.24 14.87
C SER A 36 9.61 -37.04 15.80
N THR A 37 8.62 -36.17 15.93
CA THR A 37 8.71 -34.85 16.60
C THR A 37 7.78 -34.79 17.83
N SER A 38 8.02 -33.84 18.73
CA SER A 38 7.14 -33.52 19.89
C SER A 38 5.79 -32.99 19.37
N HIS A 39 5.66 -32.82 18.06
CA HIS A 39 4.45 -32.29 17.39
C HIS A 39 3.39 -33.41 17.34
N LYS A 40 2.28 -33.23 18.05
CA LYS A 40 1.21 -34.27 18.15
C LYS A 40 -0.17 -33.68 17.85
N LEU A 41 -0.38 -32.36 17.88
CA LEU A 41 -1.67 -31.74 17.51
C LEU A 41 -1.83 -31.79 15.99
N VAL A 42 -2.95 -32.34 15.50
CA VAL A 42 -3.34 -32.36 14.05
C VAL A 42 -4.67 -31.63 13.93
N LEU A 43 -4.82 -30.75 12.93
CA LEU A 43 -6.08 -30.05 12.61
C LEU A 43 -6.60 -30.55 11.25
N SER A 44 -7.89 -30.34 10.95
CA SER A 44 -8.53 -30.58 9.63
C SER A 44 -9.63 -29.53 9.45
N VAL A 45 -10.90 -29.92 9.59
CA VAL A 45 -12.07 -28.98 9.71
C VAL A 45 -12.12 -28.59 11.19
N ASN A 46 -12.12 -29.61 12.06
CA ASN A 46 -12.13 -29.50 13.53
C ASN A 46 -10.86 -30.17 14.05
N PRO A 47 -10.38 -29.78 15.25
CA PRO A 47 -9.15 -30.36 15.80
C PRO A 47 -9.25 -31.86 16.09
N TYR A 48 -8.19 -32.61 15.84
CA TYR A 48 -8.02 -34.02 16.27
C TYR A 48 -7.71 -34.00 17.77
N VAL A 49 -8.78 -33.87 18.57
CA VAL A 49 -8.77 -33.96 20.06
C VAL A 49 -9.93 -34.89 20.45
N CYS A 50 -9.86 -35.53 21.62
CA CYS A 50 -10.91 -36.42 22.19
C CYS A 50 -12.16 -35.59 22.53
N ASN A 51 -13.33 -35.98 22.04
CA ASN A 51 -14.59 -35.18 22.17
C ASN A 51 -15.29 -35.44 23.50
N ALA A 52 -14.89 -36.48 24.24
CA ALA A 52 -15.40 -36.79 25.60
C ALA A 52 -15.27 -35.54 26.46
N PRO A 53 -16.32 -35.06 27.18
CA PRO A 53 -16.20 -33.85 27.99
C PRO A 53 -15.09 -33.90 29.05
N GLY A 54 -14.36 -32.80 29.24
CA GLY A 54 -13.35 -32.65 30.31
C GLY A 54 -12.08 -33.46 30.06
N CYS A 55 -11.97 -34.11 28.90
CA CYS A 55 -10.78 -34.89 28.49
C CYS A 55 -9.80 -33.98 27.74
N ASP A 56 -8.51 -34.08 28.04
CA ASP A 56 -7.46 -33.14 27.55
C ASP A 56 -6.55 -33.80 26.51
N VAL A 57 -6.86 -35.02 26.04
CA VAL A 57 -5.99 -35.78 25.09
C VAL A 57 -6.11 -35.16 23.69
N THR A 58 -5.00 -34.60 23.20
CA THR A 58 -4.87 -33.93 21.87
C THR A 58 -3.79 -34.63 21.03
N ASP A 59 -3.03 -35.57 21.60
CA ASP A 59 -1.95 -36.28 20.88
C ASP A 59 -2.58 -37.29 19.93
N VAL A 60 -2.58 -36.99 18.63
CA VAL A 60 -3.14 -37.83 17.52
C VAL A 60 -2.74 -39.30 17.70
N THR A 61 -1.56 -39.60 18.27
CA THR A 61 -1.08 -41.00 18.46
C THR A 61 -1.96 -41.72 19.50
N GLN A 62 -2.58 -40.97 20.42
CA GLN A 62 -3.44 -41.50 21.52
C GLN A 62 -4.92 -41.43 21.15
N LEU A 63 -5.27 -41.15 19.89
CA LEU A 63 -6.66 -40.78 19.49
C LEU A 63 -7.20 -41.76 18.43
N TYR A 64 -8.53 -41.79 18.29
CA TYR A 64 -9.28 -42.79 17.48
C TYR A 64 -10.51 -42.15 16.81
N LEU A 65 -11.03 -42.82 15.78
CA LEU A 65 -12.26 -42.46 15.04
C LEU A 65 -13.43 -43.34 15.51
N GLY A 66 -14.44 -42.73 16.16
CA GLY A 66 -15.62 -43.39 16.75
C GLY A 66 -16.90 -42.82 16.18
N GLY A 67 -17.52 -43.54 15.25
CA GLY A 67 -18.47 -42.95 14.28
C GLY A 67 -17.79 -41.81 13.54
N MET A 68 -18.33 -40.60 13.67
CA MET A 68 -17.87 -39.38 12.92
C MET A 68 -16.79 -38.65 13.72
N SER A 69 -16.67 -38.93 15.03
CA SER A 69 -15.89 -38.14 16.02
C SER A 69 -14.62 -38.87 16.48
N TYR A 70 -13.80 -38.18 17.28
CA TYR A 70 -12.45 -38.64 17.71
C TYR A 70 -12.47 -38.72 19.23
N TYR A 71 -11.78 -39.71 19.80
CA TYR A 71 -11.70 -39.99 21.26
C TYR A 71 -10.35 -40.68 21.55
N CYS A 72 -9.95 -40.69 22.82
CA CYS A 72 -8.73 -41.39 23.32
C CYS A 72 -9.03 -42.87 23.60
N LYS A 73 -8.05 -43.65 24.06
CA LYS A 73 -8.23 -45.11 24.39
C LYS A 73 -9.20 -45.25 25.55
N SER A 74 -9.27 -44.24 26.43
CA SER A 74 -10.13 -44.20 27.66
C SER A 74 -11.61 -43.90 27.33
N HIS A 75 -11.93 -43.39 26.12
CA HIS A 75 -13.26 -42.82 25.77
C HIS A 75 -13.81 -43.35 24.43
N LYS A 76 -13.01 -44.04 23.62
CA LYS A 76 -13.45 -44.51 22.28
C LYS A 76 -14.53 -45.56 22.50
N PRO A 77 -15.44 -45.78 21.52
CA PRO A 77 -16.32 -46.94 21.53
C PRO A 77 -15.58 -48.22 21.11
N PRO A 78 -16.22 -49.42 21.18
CA PRO A 78 -15.59 -50.65 20.73
C PRO A 78 -15.27 -50.68 19.23
N ILE A 79 -16.15 -50.12 18.39
CA ILE A 79 -15.89 -49.96 16.92
C ILE A 79 -15.24 -48.58 16.73
N SER A 80 -13.90 -48.52 16.80
CA SER A 80 -13.10 -47.29 16.62
C SER A 80 -11.74 -47.59 15.98
N PHE A 81 -11.30 -46.71 15.08
CA PHE A 81 -10.07 -46.82 14.27
C PHE A 81 -9.01 -45.88 14.86
N PRO A 82 -7.77 -46.34 15.12
CA PRO A 82 -6.72 -45.44 15.61
C PRO A 82 -6.29 -44.45 14.51
N LEU A 83 -6.44 -43.13 14.75
CA LEU A 83 -6.09 -42.07 13.77
C LEU A 83 -4.69 -42.35 13.22
N CYS A 84 -3.75 -42.75 14.08
CA CYS A 84 -2.31 -42.99 13.76
C CYS A 84 -2.03 -44.48 13.63
N ALA A 85 -2.03 -45.01 12.41
CA ALA A 85 -1.62 -46.41 12.11
C ALA A 85 -1.50 -46.62 10.60
N ASN A 86 -0.77 -47.69 10.21
CA ASN A 86 -0.55 -48.12 8.81
C ASN A 86 0.35 -47.08 8.11
N GLY A 87 1.25 -46.44 8.88
CA GLY A 87 2.18 -45.40 8.40
C GLY A 87 1.48 -44.10 8.05
N GLN A 88 0.17 -44.00 8.29
CA GLN A 88 -0.64 -42.80 7.89
C GLN A 88 -1.43 -42.27 9.10
N VAL A 89 -1.99 -41.07 8.93
CA VAL A 89 -2.96 -40.43 9.87
C VAL A 89 -4.27 -40.27 9.11
N PHE A 90 -5.38 -40.84 9.62
CA PHE A 90 -6.72 -40.68 9.00
C PHE A 90 -6.95 -39.20 8.68
N GLY A 91 -7.30 -38.93 7.41
CA GLY A 91 -7.67 -37.60 6.88
C GLY A 91 -8.19 -37.71 5.46
N LEU A 92 -8.76 -36.61 4.94
CA LEU A 92 -9.37 -36.51 3.59
C LEU A 92 -8.33 -36.87 2.52
N TYR A 93 -8.77 -37.57 1.46
CA TYR A 93 -7.99 -37.97 0.26
C TYR A 93 -6.99 -39.07 0.62
N LYS A 94 -7.29 -39.84 1.68
CA LYS A 94 -6.42 -40.89 2.29
C LYS A 94 -6.08 -41.97 1.26
N VAL A 103 11.67 -35.95 4.79
CA VAL A 103 10.78 -35.66 5.95
C VAL A 103 11.63 -35.21 7.15
N THR A 104 12.74 -35.93 7.42
CA THR A 104 13.79 -35.52 8.40
C THR A 104 13.93 -33.99 8.35
N ASP A 105 14.33 -33.47 7.19
CA ASP A 105 14.56 -32.02 6.97
C ASP A 105 13.28 -31.23 7.33
N PHE A 106 12.09 -31.75 7.02
CA PHE A 106 10.83 -31.04 7.35
C PHE A 106 10.72 -30.94 8.88
N ASN A 107 11.03 -32.04 9.58
CA ASN A 107 10.95 -32.10 11.06
C ASN A 107 11.85 -31.00 11.63
N ALA A 108 13.15 -31.08 11.31
CA ALA A 108 14.20 -30.15 11.80
C ALA A 108 13.73 -28.69 11.60
N ILE A 109 13.19 -28.35 10.43
CA ILE A 109 12.73 -26.95 10.19
C ILE A 109 11.64 -26.60 11.19
N ALA A 110 10.64 -27.48 11.32
CA ALA A 110 9.41 -27.28 12.15
C ALA A 110 9.77 -27.06 13.61
N THR A 111 10.77 -27.81 14.10
CA THR A 111 11.10 -27.96 15.54
C THR A 111 12.24 -27.04 16.01
N CYS A 112 13.12 -26.57 15.11
CA CYS A 112 14.35 -25.81 15.47
C CYS A 112 13.95 -24.41 15.98
N ASP A 113 14.86 -23.70 16.67
CA ASP A 113 14.58 -22.38 17.32
C ASP A 113 15.32 -21.23 16.60
N TRP A 114 16.13 -21.54 15.58
CA TRP A 114 16.79 -20.59 14.64
C TRP A 114 17.92 -19.82 15.33
N THR A 115 18.53 -20.41 16.37
CA THR A 115 19.66 -19.82 17.15
C THR A 115 20.97 -20.42 16.66
N ASN A 116 20.88 -21.49 15.87
CA ASN A 116 22.02 -22.28 15.34
C ASN A 116 22.17 -21.99 13.85
N ALA A 117 23.41 -21.92 13.35
CA ALA A 117 23.73 -21.76 11.91
C ALA A 117 23.23 -22.96 11.11
N GLY A 118 23.24 -24.15 11.69
CA GLY A 118 22.79 -25.40 11.04
C GLY A 118 21.31 -25.36 10.66
N ASP A 119 20.52 -24.54 11.35
CA ASP A 119 19.08 -24.28 11.03
C ASP A 119 18.98 -23.49 9.71
N TYR A 120 19.90 -22.56 9.48
CA TYR A 120 19.89 -21.69 8.28
C TYR A 120 20.50 -22.48 7.13
N ILE A 121 21.49 -23.32 7.42
CA ILE A 121 22.15 -24.18 6.39
C ILE A 121 21.07 -25.06 5.78
N LEU A 122 20.40 -25.87 6.62
CA LEU A 122 19.27 -26.76 6.24
C LEU A 122 18.22 -25.98 5.44
N ALA A 123 17.84 -24.78 5.88
CA ALA A 123 16.80 -23.95 5.23
C ALA A 123 17.25 -23.45 3.85
N ASN A 124 18.44 -23.84 3.39
CA ASN A 124 19.02 -23.42 2.08
C ASN A 124 19.59 -24.61 1.30
N THR A 125 19.62 -25.79 1.90
CA THR A 125 20.10 -27.05 1.27
C THR A 125 18.93 -28.00 1.02
N CYS A 126 17.69 -27.55 1.23
CA CYS A 126 16.46 -28.40 1.19
C CYS A 126 15.76 -28.22 -0.16
N THR A 127 14.51 -28.70 -0.28
CA THR A 127 13.61 -28.47 -1.44
C THR A 127 13.05 -27.04 -1.39
N GLU A 128 12.46 -26.58 -2.50
CA GLU A 128 12.01 -25.18 -2.71
C GLU A 128 10.82 -24.85 -1.80
N ARG A 129 9.86 -25.76 -1.64
CA ARG A 129 8.66 -25.48 -0.80
C ARG A 129 9.12 -25.42 0.67
N LEU A 130 10.06 -26.29 1.04
CA LEU A 130 10.62 -26.34 2.43
C LEU A 130 11.29 -25.00 2.75
N LYS A 131 12.07 -24.47 1.80
CA LYS A 131 12.74 -23.15 1.92
C LYS A 131 11.69 -22.10 2.25
N LEU A 132 10.49 -22.18 1.66
CA LEU A 132 9.40 -21.19 1.87
C LEU A 132 8.81 -21.41 3.26
N PHE A 133 8.62 -22.68 3.64
CA PHE A 133 8.13 -23.11 4.98
C PHE A 133 9.10 -22.55 6.03
N ALA A 134 10.38 -22.94 5.88
CA ALA A 134 11.57 -22.45 6.63
C ALA A 134 11.53 -20.92 6.80
N ALA A 135 11.55 -20.20 5.68
CA ALA A 135 11.57 -18.71 5.63
C ALA A 135 10.38 -18.14 6.41
N GLU A 136 9.22 -18.79 6.28
CA GLU A 136 7.94 -18.37 6.93
C GLU A 136 8.10 -18.56 8.43
N THR A 137 8.47 -19.79 8.82
CA THR A 137 8.69 -20.22 10.22
C THR A 137 9.69 -19.28 10.87
N LEU A 138 10.87 -19.16 10.25
CA LEU A 138 11.98 -18.30 10.76
C LEU A 138 11.43 -16.89 11.02
N LYS A 139 10.78 -16.28 10.03
CA LYS A 139 10.28 -14.89 10.17
C LYS A 139 9.23 -14.89 11.27
N ALA A 140 8.36 -15.90 11.27
CA ALA A 140 7.33 -16.13 12.30
C ALA A 140 8.02 -16.13 13.67
N THR A 141 9.01 -17.01 13.82
CA THR A 141 9.81 -17.18 15.06
C THR A 141 10.51 -15.86 15.41
N GLU A 142 11.11 -15.20 14.40
CA GLU A 142 11.79 -13.89 14.54
C GLU A 142 10.81 -12.92 15.22
N GLU A 143 9.57 -12.86 14.74
CA GLU A 143 8.55 -11.84 15.17
C GLU A 143 8.12 -12.11 16.62
N THR A 144 7.74 -13.35 16.93
CA THR A 144 7.24 -13.79 18.26
C THR A 144 8.31 -13.53 19.33
N PHE A 145 9.60 -13.58 18.98
CA PHE A 145 10.71 -13.30 19.93
C PHE A 145 10.75 -11.81 20.29
N LYS A 146 10.32 -10.92 19.38
CA LYS A 146 10.40 -9.45 19.57
C LYS A 146 9.54 -9.03 20.78
N LEU A 147 8.42 -9.72 21.00
CA LEU A 147 7.47 -9.52 22.13
C LEU A 147 8.21 -9.69 23.47
N SER A 148 9.12 -10.68 23.56
CA SER A 148 9.84 -11.12 24.77
C SER A 148 10.70 -10.01 25.39
N TYR A 149 11.03 -8.95 24.63
CA TYR A 149 11.84 -7.81 25.11
C TYR A 149 11.01 -6.89 26.02
N GLY A 150 11.69 -6.04 26.79
CA GLY A 150 11.09 -5.15 27.80
C GLY A 150 10.89 -3.72 27.30
N ILE A 151 9.69 -3.18 27.46
CA ILE A 151 9.30 -1.79 27.11
C ILE A 151 10.33 -0.82 27.73
N ALA A 152 10.61 0.30 27.06
CA ALA A 152 11.52 1.39 27.49
C ALA A 152 10.74 2.71 27.56
N THR A 153 10.68 3.33 28.74
CA THR A 153 9.86 4.54 29.01
C THR A 153 10.80 5.72 29.31
N VAL A 154 10.48 6.89 28.73
CA VAL A 154 11.25 8.17 28.89
C VAL A 154 11.06 8.67 30.33
N ARG A 155 12.14 8.74 31.10
CA ARG A 155 12.16 9.35 32.47
C ARG A 155 12.28 10.87 32.34
N GLU A 156 13.22 11.34 31.50
CA GLU A 156 13.49 12.80 31.28
C GLU A 156 14.19 13.02 29.93
N VAL A 157 14.02 14.21 29.35
CA VAL A 157 14.60 14.64 28.05
C VAL A 157 15.70 15.67 28.32
N LEU A 158 16.97 15.30 28.10
CA LEU A 158 18.16 16.15 28.39
C LEU A 158 18.21 17.32 27.40
N SER A 159 18.22 17.03 26.09
CA SER A 159 18.36 18.03 24.99
C SER A 159 17.53 17.60 23.77
N ASP A 160 17.94 18.02 22.57
CA ASP A 160 17.24 17.79 21.28
C ASP A 160 17.62 16.42 20.70
N ARG A 161 18.80 15.90 21.05
CA ARG A 161 19.38 14.64 20.47
C ARG A 161 19.99 13.75 21.56
N GLU A 162 19.59 13.89 22.83
CA GLU A 162 20.05 13.03 23.97
C GLU A 162 18.94 12.90 25.02
N LEU A 163 18.90 11.79 25.76
CA LEU A 163 18.00 11.56 26.94
C LEU A 163 18.46 10.35 27.75
N HIS A 164 17.77 10.07 28.87
CA HIS A 164 17.92 8.86 29.74
C HIS A 164 16.58 8.12 29.79
N LEU A 165 16.58 6.79 29.97
CA LEU A 165 15.39 5.91 29.81
C LEU A 165 15.22 4.95 31.00
N SER A 166 13.97 4.72 31.42
CA SER A 166 13.55 3.70 32.44
C SER A 166 13.03 2.45 31.73
N TRP A 167 13.55 1.28 32.10
CA TRP A 167 13.23 -0.05 31.49
C TRP A 167 12.26 -0.82 32.41
N GLU A 168 11.38 -1.65 31.82
CA GLU A 168 10.46 -2.55 32.57
C GLU A 168 11.29 -3.76 33.06
N VAL A 169 11.40 -3.92 34.39
CA VAL A 169 12.17 -5.01 35.05
C VAL A 169 11.47 -6.35 34.77
N GLY A 170 12.22 -7.47 34.83
CA GLY A 170 11.75 -8.82 34.47
C GLY A 170 12.27 -9.24 33.10
N LYS A 171 11.65 -8.72 32.04
CA LYS A 171 12.02 -9.00 30.62
C LYS A 171 13.36 -8.35 30.31
N PRO A 172 14.22 -8.98 29.47
CA PRO A 172 15.53 -8.41 29.14
C PRO A 172 15.38 -7.09 28.35
N ARG A 173 16.49 -6.35 28.22
CA ARG A 173 16.56 -5.01 27.58
C ARG A 173 17.41 -5.12 26.30
N PRO A 174 16.81 -4.95 25.09
CA PRO A 174 17.52 -5.18 23.84
C PRO A 174 18.65 -4.19 23.57
N PRO A 175 19.73 -4.61 22.87
CA PRO A 175 20.92 -3.79 22.70
C PRO A 175 20.65 -2.49 21.92
N LEU A 176 21.11 -1.36 22.46
CA LEU A 176 20.92 -0.01 21.88
C LEU A 176 21.90 0.21 20.72
N ASN A 177 21.39 0.17 19.48
CA ASN A 177 22.19 0.30 18.24
C ASN A 177 21.30 0.91 17.14
N ARG A 178 21.86 1.11 15.94
CA ARG A 178 21.11 1.49 14.71
C ARG A 178 20.65 0.22 13.98
N ASN A 179 20.59 -0.93 14.69
CA ASN A 179 20.17 -2.26 14.15
C ASN A 179 18.86 -2.72 14.80
N TYR A 180 18.32 -1.94 15.74
CA TYR A 180 17.09 -2.26 16.53
C TYR A 180 16.14 -1.06 16.49
N VAL A 181 15.34 -0.95 15.43
CA VAL A 181 14.39 0.19 15.23
C VAL A 181 13.15 -0.08 16.08
N PHE A 182 12.89 0.78 17.07
CA PHE A 182 11.69 0.77 17.96
C PHE A 182 10.54 1.48 17.24
N THR A 183 9.32 1.33 17.77
CA THR A 183 8.12 2.15 17.43
C THR A 183 7.69 2.91 18.70
N GLY A 184 7.86 4.22 18.70
CA GLY A 184 7.45 5.12 19.81
C GLY A 184 5.94 5.23 19.90
N TYR A 185 5.44 5.62 21.08
CA TYR A 185 4.00 5.69 21.43
C TYR A 185 3.81 6.59 22.65
N GLN A 194 1.66 7.23 18.99
CA GLN A 194 2.12 6.61 17.71
C GLN A 194 3.15 7.53 17.02
N ILE A 195 4.12 8.03 17.79
CA ILE A 195 4.96 9.22 17.43
C ILE A 195 6.16 8.78 16.57
N GLY A 196 5.92 7.88 15.61
CA GLY A 196 6.90 7.46 14.58
C GLY A 196 8.07 6.67 15.15
N GLU A 197 8.75 5.91 14.27
CA GLU A 197 9.90 5.03 14.59
C GLU A 197 11.05 5.84 15.22
N TYR A 198 11.80 5.21 16.14
CA TYR A 198 13.01 5.79 16.82
C TYR A 198 14.13 4.75 16.84
N THR A 199 15.34 5.17 17.24
CA THR A 199 16.54 4.31 17.45
C THR A 199 17.40 4.91 18.57
N PHE A 200 18.43 4.18 19.03
CA PHE A 200 19.26 4.55 20.22
C PHE A 200 20.75 4.23 20.00
N GLU A 201 21.61 5.24 20.22
CA GLU A 201 23.09 5.19 20.05
C GLU A 201 23.78 5.71 21.32
N LYS A 202 24.78 4.97 21.83
CA LYS A 202 25.53 5.27 23.07
C LYS A 202 26.24 6.63 22.94
N ASP A 207 25.28 7.17 31.83
CA ASP A 207 23.96 6.76 31.27
C ASP A 207 23.83 7.30 29.84
N ALA A 208 24.06 8.60 29.66
CA ALA A 208 23.78 9.43 28.45
C ALA A 208 23.69 8.55 27.19
N VAL A 209 22.52 8.57 26.54
CA VAL A 209 22.22 7.84 25.28
C VAL A 209 21.50 8.80 24.33
N VAL A 210 21.55 8.53 23.02
CA VAL A 210 20.99 9.40 21.93
C VAL A 210 19.65 8.81 21.45
N TYR A 211 18.65 9.67 21.20
CA TYR A 211 17.28 9.30 20.75
C TYR A 211 17.06 9.86 19.33
N ARG A 212 16.98 8.97 18.34
CA ARG A 212 17.00 9.32 16.88
C ARG A 212 15.59 9.20 16.29
N GLY A 213 14.76 10.23 16.48
CA GLY A 213 13.35 10.26 16.06
C GLY A 213 13.21 10.57 14.57
N THR A 214 12.98 9.53 13.76
CA THR A 214 12.79 9.61 12.29
C THR A 214 11.68 10.62 11.94
N THR A 215 10.76 10.88 12.88
CA THR A 215 9.71 11.92 12.79
C THR A 215 9.94 12.95 13.92
N THR A 216 10.28 14.20 13.56
CA THR A 216 10.61 15.30 14.52
C THR A 216 9.42 15.55 15.46
N TYR A 217 9.56 15.21 16.75
CA TYR A 217 8.51 15.44 17.79
C TYR A 217 9.16 15.61 19.16
N LYS A 218 8.64 16.57 19.95
CA LYS A 218 9.10 16.86 21.33
C LYS A 218 8.81 15.65 22.21
N LEU A 219 9.86 14.93 22.64
CA LEU A 219 9.79 13.67 23.43
C LEU A 219 9.09 13.95 24.76
N ASN A 220 7.96 13.30 25.00
CA ASN A 220 7.13 13.46 26.23
C ASN A 220 7.64 12.47 27.29
N VAL A 221 7.75 12.90 28.54
CA VAL A 221 7.99 12.01 29.72
C VAL A 221 6.71 11.19 29.93
N GLY A 222 6.86 9.88 30.14
CA GLY A 222 5.73 8.92 30.28
C GLY A 222 5.56 8.07 29.04
N ASP A 223 5.67 8.67 27.84
CA ASP A 223 5.56 7.95 26.55
C ASP A 223 6.57 6.79 26.54
N TYR A 224 6.23 5.73 25.78
CA TYR A 224 6.96 4.44 25.69
C TYR A 224 7.21 4.09 24.22
N PHE A 225 8.22 3.26 23.95
CA PHE A 225 8.49 2.66 22.61
C PHE A 225 8.31 1.14 22.73
N VAL A 226 8.06 0.46 21.60
CA VAL A 226 7.89 -1.02 21.52
C VAL A 226 8.40 -1.50 20.16
N LEU A 227 9.14 -2.62 20.13
CA LEU A 227 9.70 -3.22 18.89
C LEU A 227 8.57 -3.86 18.07
N THR A 228 7.64 -3.03 17.53
CA THR A 228 6.39 -3.46 16.86
C THR A 228 6.70 -4.65 15.93
N SER A 229 5.85 -5.68 15.97
CA SER A 229 6.01 -6.96 15.21
C SER A 229 5.11 -6.95 13.97
N HIS A 230 5.60 -6.41 12.86
CA HIS A 230 4.95 -6.56 11.52
C HIS A 230 4.72 -8.06 11.33
N THR A 231 3.45 -8.48 11.30
CA THR A 231 3.02 -9.90 11.20
C THR A 231 3.61 -10.52 9.92
N VAL A 232 3.95 -11.80 10.00
CA VAL A 232 4.44 -12.63 8.86
C VAL A 232 3.24 -13.02 8.00
N MET A 233 3.30 -12.72 6.71
CA MET A 233 2.31 -13.18 5.70
C MET A 233 2.84 -14.48 5.10
N PRO A 234 1.96 -15.44 4.70
CA PRO A 234 2.41 -16.69 4.10
C PRO A 234 3.10 -16.43 2.76
N LEU A 235 3.92 -17.38 2.30
CA LEU A 235 4.68 -17.24 1.03
C LEU A 235 4.05 -18.15 -0.01
N SER A 236 3.56 -17.58 -1.12
CA SER A 236 2.99 -18.31 -2.29
C SER A 236 4.11 -18.67 -3.28
N ALA A 237 4.90 -17.67 -3.68
CA ALA A 237 5.86 -17.74 -4.81
C ALA A 237 7.19 -18.31 -4.33
N PRO A 238 7.94 -19.05 -5.18
CA PRO A 238 9.25 -19.55 -4.78
C PRO A 238 10.24 -18.40 -4.50
N THR A 239 11.42 -18.73 -3.97
CA THR A 239 12.58 -17.80 -3.86
C THR A 239 13.03 -17.44 -5.27
N LEU A 240 13.44 -18.47 -6.03
CA LEU A 240 13.84 -18.45 -7.45
C LEU A 240 12.80 -19.18 -8.30
N VAL A 241 12.09 -18.47 -9.19
CA VAL A 241 11.27 -19.13 -10.27
C VAL A 241 12.17 -20.15 -10.94
N PRO A 242 11.62 -21.17 -11.64
CA PRO A 242 12.47 -22.13 -12.35
C PRO A 242 13.27 -21.36 -13.40
N GLN A 243 14.48 -21.82 -13.74
CA GLN A 243 15.31 -21.16 -14.79
C GLN A 243 14.72 -21.56 -16.13
N GLU A 244 14.72 -20.62 -17.10
CA GLU A 244 14.41 -20.85 -18.53
C GLU A 244 15.56 -20.25 -19.36
N HIS A 245 16.08 -21.02 -20.32
CA HIS A 245 17.13 -20.61 -21.27
C HIS A 245 16.56 -20.57 -22.68
N TYR A 246 16.75 -19.45 -23.37
CA TYR A 246 16.19 -19.18 -24.73
C TYR A 246 17.34 -19.27 -25.73
N VAL A 247 16.99 -19.14 -27.02
CA VAL A 247 17.94 -19.13 -28.17
C VAL A 247 18.26 -17.67 -28.50
N ARG A 248 17.34 -16.75 -28.21
CA ARG A 248 17.46 -15.30 -28.52
C ARG A 248 16.64 -14.48 -27.51
N ILE A 249 16.87 -13.16 -27.53
CA ILE A 249 16.40 -12.12 -26.57
C ILE A 249 14.86 -12.11 -26.53
N THR A 250 14.28 -12.78 -25.54
CA THR A 250 12.82 -13.00 -25.46
C THR A 250 12.16 -11.79 -24.76
N GLY A 251 11.29 -11.06 -25.46
CA GLY A 251 10.36 -10.08 -24.86
C GLY A 251 10.92 -8.67 -24.77
N LEU A 252 12.18 -8.47 -25.15
CA LEU A 252 12.87 -7.15 -25.06
C LEU A 252 13.38 -6.79 -26.46
N TYR A 253 13.78 -5.53 -26.69
CA TYR A 253 14.23 -5.01 -28.00
C TYR A 253 15.55 -4.26 -27.84
N PRO A 254 16.71 -4.88 -28.21
CA PRO A 254 18.02 -4.25 -28.07
C PRO A 254 18.33 -3.18 -29.14
N THR A 255 19.10 -2.15 -28.77
CA THR A 255 19.65 -1.12 -29.71
C THR A 255 21.00 -1.60 -30.26
N LEU A 256 21.61 -0.82 -31.16
CA LEU A 256 23.03 -0.95 -31.58
C LEU A 256 23.68 0.45 -31.61
N ASN A 257 23.10 1.41 -30.88
CA ASN A 257 23.66 2.78 -30.67
C ASN A 257 24.14 2.93 -29.23
N ILE A 258 24.23 1.82 -28.48
CA ILE A 258 24.59 1.79 -27.02
C ILE A 258 25.93 2.51 -26.82
N SER A 259 25.93 3.65 -26.11
CA SER A 259 27.12 4.50 -25.87
C SER A 259 28.27 3.62 -25.35
N ASP A 260 29.49 3.86 -25.86
CA ASP A 260 30.72 3.08 -25.54
C ASP A 260 30.80 2.82 -24.03
N GLU A 261 30.28 3.75 -23.23
CA GLU A 261 30.28 3.72 -21.74
C GLU A 261 29.78 2.37 -21.22
N PHE A 262 28.86 1.71 -21.93
CA PHE A 262 28.17 0.45 -21.52
C PHE A 262 28.43 -0.66 -22.53
N SER A 263 29.48 -0.55 -23.35
CA SER A 263 29.79 -1.47 -24.47
C SER A 263 30.36 -2.80 -23.96
N SER A 264 31.01 -2.78 -22.80
CA SER A 264 31.67 -3.97 -22.19
C SER A 264 30.58 -4.96 -21.74
N ASN A 265 29.40 -4.44 -21.37
CA ASN A 265 28.31 -5.17 -20.70
C ASN A 265 27.27 -5.73 -21.70
N VAL A 266 27.55 -5.67 -23.01
CA VAL A 266 26.56 -6.02 -24.08
C VAL A 266 26.36 -7.54 -24.11
N ALA A 267 27.43 -8.36 -24.11
CA ALA A 267 27.35 -9.84 -24.11
C ALA A 267 26.54 -10.32 -22.89
N ASN A 268 26.72 -9.68 -21.74
CA ASN A 268 25.98 -9.99 -20.49
C ASN A 268 24.53 -9.48 -20.61
N TYR A 269 24.32 -8.27 -21.14
CA TYR A 269 22.98 -7.68 -21.34
C TYR A 269 22.14 -8.60 -22.25
N GLN A 270 22.79 -9.31 -23.19
CA GLN A 270 22.16 -10.29 -24.12
C GLN A 270 21.84 -11.58 -23.37
N LYS A 271 22.75 -12.00 -22.47
CA LYS A 271 22.56 -13.15 -21.54
C LYS A 271 21.30 -12.92 -20.69
N VAL A 272 21.11 -11.69 -20.17
CA VAL A 272 19.91 -11.25 -19.38
C VAL A 272 18.62 -11.54 -20.18
N GLY A 273 18.62 -11.31 -21.50
CA GLY A 273 17.48 -11.54 -22.41
C GLY A 273 17.24 -13.01 -22.73
N MET A 274 18.31 -13.80 -22.90
CA MET A 274 18.26 -15.23 -23.32
C MET A 274 18.21 -16.14 -22.09
N GLN A 275 17.55 -15.69 -21.02
CA GLN A 275 17.40 -16.41 -19.71
C GLN A 275 16.23 -15.81 -18.93
N LYS A 276 15.62 -16.58 -18.04
CA LYS A 276 14.54 -16.09 -17.15
C LYS A 276 15.17 -15.20 -16.06
N TYR A 277 15.95 -15.80 -15.15
CA TYR A 277 16.72 -15.10 -14.09
C TYR A 277 18.20 -15.12 -14.48
N SER A 278 18.95 -14.10 -14.05
CA SER A 278 20.44 -14.04 -14.19
C SER A 278 21.08 -13.54 -12.89
N THR A 279 22.25 -14.10 -12.55
CA THR A 279 23.09 -13.80 -11.35
C THR A 279 24.41 -13.12 -11.75
N LEU A 280 24.62 -11.90 -11.22
CA LEU A 280 25.88 -11.11 -11.36
C LEU A 280 26.61 -10.98 -10.01
N GLN A 281 27.79 -11.60 -9.89
CA GLN A 281 28.74 -11.31 -8.80
C GLN A 281 29.66 -10.14 -9.17
N GLY A 282 29.42 -8.97 -8.58
CA GLY A 282 30.29 -7.79 -8.69
C GLY A 282 30.95 -7.43 -7.37
N PRO A 283 32.24 -7.79 -7.16
CA PRO A 283 33.06 -7.22 -6.09
C PRO A 283 32.93 -5.71 -5.96
N PRO A 284 33.40 -5.11 -4.86
CA PRO A 284 33.18 -3.68 -4.63
C PRO A 284 33.80 -2.88 -5.77
N GLY A 285 33.09 -1.85 -6.24
CA GLY A 285 33.56 -0.86 -7.21
C GLY A 285 33.85 -1.45 -8.57
N THR A 286 33.14 -2.53 -8.94
CA THR A 286 33.36 -3.23 -10.24
C THR A 286 32.22 -2.88 -11.21
N GLY A 287 31.28 -2.05 -10.80
CA GLY A 287 30.25 -1.48 -11.71
C GLY A 287 28.97 -2.29 -11.74
N LYS A 288 28.43 -2.65 -10.57
CA LYS A 288 27.06 -3.20 -10.43
C LYS A 288 26.08 -2.11 -10.83
N SER A 289 26.05 -1.02 -10.05
CA SER A 289 25.16 0.15 -10.21
C SER A 289 25.11 0.51 -11.70
N HIS A 290 26.29 0.63 -12.31
CA HIS A 290 26.53 0.98 -13.75
C HIS A 290 25.84 -0.03 -14.66
N PHE A 291 26.06 -1.32 -14.42
CA PHE A 291 25.48 -2.44 -15.21
C PHE A 291 23.94 -2.43 -15.16
N ALA A 292 23.37 -2.21 -13.97
CA ALA A 292 21.90 -2.19 -13.75
C ALA A 292 21.26 -1.08 -14.60
N ILE A 293 21.69 0.18 -14.43
CA ILE A 293 21.20 1.37 -15.16
C ILE A 293 21.55 1.21 -16.64
N GLY A 294 22.63 0.49 -16.95
CA GLY A 294 23.10 0.27 -18.33
C GLY A 294 22.25 -0.74 -19.07
N LEU A 295 21.37 -1.45 -18.37
CA LEU A 295 20.52 -2.52 -18.97
C LEU A 295 19.30 -1.84 -19.60
N ALA A 296 18.89 -0.72 -19.02
CA ALA A 296 17.78 0.16 -19.46
C ALA A 296 18.17 0.88 -20.76
N LEU A 297 19.43 1.32 -20.87
CA LEU A 297 19.95 2.03 -22.07
C LEU A 297 20.13 1.04 -23.23
N TYR A 298 20.30 -0.26 -22.96
CA TYR A 298 20.47 -1.31 -24.00
C TYR A 298 19.11 -1.88 -24.41
N TYR A 299 18.18 -2.00 -23.45
CA TYR A 299 16.76 -2.33 -23.69
C TYR A 299 15.92 -1.11 -23.28
N PRO A 300 15.92 -0.05 -24.11
CA PRO A 300 15.46 1.29 -23.70
C PRO A 300 13.95 1.56 -23.83
N SER A 301 13.21 0.58 -24.39
CA SER A 301 11.73 0.53 -24.46
C SER A 301 11.20 -0.15 -23.19
N ALA A 302 12.03 -1.01 -22.59
CA ALA A 302 11.66 -1.93 -21.49
C ALA A 302 11.27 -1.12 -20.25
N ARG A 303 10.20 -1.55 -19.57
CA ARG A 303 9.82 -1.08 -18.22
C ARG A 303 10.67 -1.88 -17.23
N ILE A 304 11.35 -1.20 -16.32
CA ILE A 304 12.24 -1.87 -15.34
C ILE A 304 11.80 -1.44 -13.93
N VAL A 305 11.74 -2.42 -13.04
CA VAL A 305 11.62 -2.20 -11.57
C VAL A 305 12.98 -2.54 -10.94
N TYR A 306 13.55 -1.54 -10.26
CA TYR A 306 14.80 -1.62 -9.48
C TYR A 306 14.41 -1.76 -8.01
N THR A 307 14.92 -2.82 -7.35
CA THR A 307 14.54 -3.23 -5.98
C THR A 307 15.77 -3.79 -5.25
N ALA A 308 15.83 -3.53 -3.94
CA ALA A 308 16.83 -3.99 -2.95
C ALA A 308 16.18 -3.85 -1.57
N CYS A 309 16.67 -4.56 -0.55
CA CYS A 309 16.03 -4.59 0.79
C CYS A 309 16.04 -3.18 1.42
N SER A 310 17.08 -2.36 1.18
CA SER A 310 17.34 -1.11 1.96
C SER A 310 17.06 0.16 1.14
N HIS A 311 16.59 1.19 1.83
CA HIS A 311 16.34 2.53 1.25
C HIS A 311 17.64 3.06 0.63
N ALA A 312 18.80 2.79 1.26
CA ALA A 312 20.13 3.24 0.78
C ALA A 312 20.43 2.59 -0.58
N ALA A 313 20.25 1.27 -0.70
CA ALA A 313 20.57 0.52 -1.94
C ALA A 313 19.66 0.95 -3.08
N VAL A 314 18.40 1.26 -2.81
CA VAL A 314 17.41 1.76 -3.82
C VAL A 314 17.78 3.20 -4.20
N ASP A 315 18.10 4.03 -3.19
CA ASP A 315 18.56 5.44 -3.29
C ASP A 315 19.89 5.53 -4.05
N ALA A 316 20.67 4.43 -4.07
CA ALA A 316 21.92 4.30 -4.85
C ALA A 316 21.59 4.08 -6.33
N LEU A 317 20.62 3.21 -6.64
CA LEU A 317 20.21 2.88 -8.04
C LEU A 317 19.48 4.08 -8.66
N CYS A 318 18.89 4.95 -7.81
CA CYS A 318 18.23 6.23 -8.20
C CYS A 318 19.28 7.24 -8.69
N GLU A 319 20.38 7.43 -7.93
CA GLU A 319 21.46 8.38 -8.28
C GLU A 319 22.07 7.98 -9.63
N LYS A 320 22.34 6.69 -9.84
CA LYS A 320 22.96 6.17 -11.09
C LYS A 320 21.93 6.15 -12.21
N ALA A 321 20.67 6.47 -11.93
CA ALA A 321 19.58 6.58 -12.94
C ALA A 321 19.38 8.05 -13.32
N LEU A 322 19.31 8.94 -12.33
CA LEU A 322 19.23 10.40 -12.56
C LEU A 322 20.25 10.76 -13.65
N LYS A 323 21.45 10.19 -13.60
CA LYS A 323 22.61 10.53 -14.47
C LYS A 323 22.38 10.08 -15.92
N TYR A 324 21.76 8.91 -16.16
CA TYR A 324 21.71 8.25 -17.49
C TYR A 324 20.28 8.04 -18.01
N LEU A 325 19.27 8.02 -17.14
CA LEU A 325 17.89 7.72 -17.55
C LEU A 325 17.03 8.98 -17.45
N PRO A 326 16.06 9.16 -18.38
CA PRO A 326 15.23 10.38 -18.41
C PRO A 326 14.29 10.52 -17.20
N ILE A 327 14.57 11.56 -16.39
CA ILE A 327 13.99 11.83 -15.04
C ILE A 327 12.46 11.75 -15.04
N ASP A 328 11.81 11.95 -16.20
CA ASP A 328 10.32 11.97 -16.32
C ASP A 328 9.73 10.56 -16.18
N LYS A 329 10.49 9.50 -16.50
CA LYS A 329 9.99 8.09 -16.44
C LYS A 329 10.56 7.35 -15.23
N CYS A 330 10.88 8.07 -14.15
CA CYS A 330 11.46 7.55 -12.89
C CYS A 330 10.56 7.90 -11.70
N SER A 331 10.07 6.88 -10.98
CA SER A 331 9.32 7.03 -9.70
C SER A 331 10.01 6.24 -8.58
N ARG A 332 10.38 6.95 -7.50
CA ARG A 332 10.83 6.40 -6.19
C ARG A 332 9.60 6.01 -5.33
N ILE A 333 9.25 4.73 -5.24
CA ILE A 333 8.09 4.20 -4.47
C ILE A 333 8.39 4.32 -2.98
N ILE A 334 7.70 5.21 -2.29
CA ILE A 334 7.90 5.48 -0.82
C ILE A 334 6.73 4.83 -0.07
N PRO A 335 6.99 3.96 0.95
CA PRO A 335 5.92 3.39 1.76
C PRO A 335 5.26 4.46 2.65
N ALA A 336 3.92 4.59 2.52
CA ALA A 336 3.08 5.68 3.08
C ALA A 336 3.40 5.93 4.56
N ARG A 337 3.84 4.89 5.30
CA ARG A 337 4.49 5.03 6.64
C ARG A 337 6.00 5.20 6.41
N ALA A 338 6.42 6.43 6.09
CA ALA A 338 7.80 6.79 5.69
C ALA A 338 8.76 6.56 6.87
N ARG A 339 9.87 5.84 6.63
CA ARG A 339 10.82 5.35 7.66
C ARG A 339 11.88 6.43 7.94
N VAL A 340 12.87 6.61 7.05
CA VAL A 340 13.91 7.68 7.13
C VAL A 340 13.94 8.45 5.79
N GLU A 341 14.48 9.67 5.81
CA GLU A 341 14.58 10.60 4.64
C GLU A 341 15.12 9.83 3.44
N CYS A 342 14.60 10.12 2.25
CA CYS A 342 14.67 9.25 1.05
C CYS A 342 15.13 10.04 -0.18
N PHE A 343 14.88 9.49 -1.38
CA PHE A 343 15.27 10.12 -2.68
C PHE A 343 14.13 11.03 -3.16
N ASP A 344 14.44 12.31 -3.43
CA ASP A 344 13.45 13.38 -3.76
C ASP A 344 13.33 13.59 -5.27
N LYS A 345 14.44 13.53 -6.01
CA LYS A 345 14.59 14.08 -7.39
C LYS A 345 13.58 13.44 -8.36
N PHE A 346 12.94 12.33 -8.03
CA PHE A 346 11.94 11.65 -8.90
C PHE A 346 10.51 12.00 -8.47
N LYS A 347 9.53 11.76 -9.34
CA LYS A 347 8.08 11.70 -8.99
C LYS A 347 7.91 10.58 -7.95
N VAL A 348 7.17 10.85 -6.86
CA VAL A 348 6.96 9.90 -5.73
C VAL A 348 5.64 9.13 -5.96
N ASN A 349 5.71 7.79 -5.87
CA ASN A 349 4.55 6.85 -5.84
C ASN A 349 3.76 6.94 -7.16
N SER A 350 4.48 6.85 -8.28
CA SER A 350 3.91 6.65 -9.64
C SER A 350 4.29 5.23 -10.09
N THR A 351 3.43 4.27 -9.76
CA THR A 351 3.62 2.81 -9.98
C THR A 351 3.96 2.49 -11.44
N LEU A 352 3.35 3.19 -12.41
CA LEU A 352 3.31 2.72 -13.82
C LEU A 352 4.27 3.54 -14.70
N GLU A 353 5.23 4.23 -14.08
CA GLU A 353 6.40 4.82 -14.80
C GLU A 353 7.24 3.66 -15.37
N GLN A 354 8.05 3.95 -16.40
CA GLN A 354 8.97 2.95 -17.02
C GLN A 354 9.96 2.46 -15.96
N TYR A 355 10.38 3.36 -15.08
CA TYR A 355 11.43 3.14 -14.06
C TYR A 355 10.82 3.38 -12.67
N VAL A 356 10.95 2.35 -11.83
CA VAL A 356 10.37 2.25 -10.46
C VAL A 356 11.50 1.79 -9.54
N PHE A 357 11.84 2.63 -8.56
CA PHE A 357 12.88 2.39 -7.52
C PHE A 357 12.17 2.15 -6.19
N CYS A 358 12.16 0.90 -5.72
CA CYS A 358 11.35 0.48 -4.55
C CYS A 358 12.03 -0.62 -3.72
N THR A 359 12.06 -0.42 -2.40
CA THR A 359 12.45 -1.42 -1.37
C THR A 359 11.47 -2.61 -1.47
N VAL A 360 11.97 -3.84 -1.30
CA VAL A 360 11.19 -5.13 -1.42
C VAL A 360 9.93 -5.06 -0.56
N ASN A 361 10.02 -4.44 0.62
CA ASN A 361 8.92 -4.36 1.62
C ASN A 361 7.83 -3.38 1.18
N ALA A 362 8.07 -2.54 0.15
CA ALA A 362 7.07 -1.56 -0.37
C ALA A 362 6.66 -1.87 -1.83
N LEU A 363 7.17 -2.93 -2.46
CA LEU A 363 6.85 -3.29 -3.86
C LEU A 363 5.34 -3.37 -4.05
N PRO A 364 4.74 -2.61 -5.00
CA PRO A 364 3.35 -2.84 -5.37
C PRO A 364 3.20 -4.13 -6.20
N GLU A 365 1.96 -4.63 -6.28
CA GLU A 365 1.57 -5.74 -7.19
C GLU A 365 1.59 -5.20 -8.62
N THR A 366 2.47 -5.73 -9.48
CA THR A 366 2.66 -5.25 -10.88
C THR A 366 3.40 -6.30 -11.73
N THR A 367 3.79 -5.90 -12.94
CA THR A 367 4.63 -6.70 -13.88
C THR A 367 5.63 -5.77 -14.56
N ALA A 368 6.58 -6.34 -15.31
CA ALA A 368 7.76 -5.64 -15.85
C ALA A 368 8.49 -6.53 -16.85
N ASP A 369 9.25 -5.89 -17.75
CA ASP A 369 10.07 -6.58 -18.77
C ASP A 369 11.34 -7.08 -18.09
N ILE A 370 11.93 -6.23 -17.25
CA ILE A 370 13.09 -6.58 -16.37
C ILE A 370 12.78 -6.14 -14.94
N VAL A 371 13.06 -7.02 -13.99
CA VAL A 371 13.24 -6.68 -12.53
C VAL A 371 14.71 -6.87 -12.21
N VAL A 372 15.36 -5.81 -11.68
CA VAL A 372 16.73 -5.89 -11.12
C VAL A 372 16.61 -5.89 -9.59
N PHE A 373 17.02 -6.99 -8.98
CA PHE A 373 17.19 -7.12 -7.51
C PHE A 373 18.66 -6.84 -7.20
N ASP A 374 18.91 -5.75 -6.47
CA ASP A 374 20.28 -5.33 -6.10
C ASP A 374 20.57 -5.65 -4.63
N GLU A 375 21.86 -5.84 -4.30
CA GLU A 375 22.37 -6.07 -2.92
C GLU A 375 21.84 -7.44 -2.46
N ILE A 376 22.06 -8.45 -3.28
CA ILE A 376 21.42 -9.80 -3.14
C ILE A 376 22.03 -10.53 -1.94
N SER A 377 23.22 -10.14 -1.49
CA SER A 377 23.86 -10.77 -0.30
C SER A 377 22.94 -10.52 0.90
N MET A 378 22.32 -9.33 0.96
CA MET A 378 21.43 -8.85 2.05
C MET A 378 19.99 -9.37 1.90
N ALA A 379 19.69 -10.20 0.88
CA ALA A 379 18.33 -10.74 0.65
C ALA A 379 18.12 -11.95 1.55
N THR A 380 17.03 -11.96 2.32
CA THR A 380 16.45 -13.18 2.97
C THR A 380 15.65 -13.91 1.89
N ASN A 381 15.54 -15.24 1.98
CA ASN A 381 14.68 -16.05 1.06
C ASN A 381 13.24 -15.51 1.12
N TYR A 382 12.78 -15.07 2.29
CA TYR A 382 11.52 -14.29 2.42
C TYR A 382 11.51 -13.19 1.36
N ASP A 383 12.50 -12.28 1.42
CA ASP A 383 12.69 -11.16 0.46
C ASP A 383 12.65 -11.70 -0.99
N LEU A 384 13.30 -12.85 -1.27
CA LEU A 384 13.33 -13.44 -2.63
C LEU A 384 11.91 -13.83 -3.07
N SER A 385 11.07 -14.28 -2.13
CA SER A 385 9.70 -14.77 -2.38
C SER A 385 8.77 -13.57 -2.60
N VAL A 386 8.81 -12.59 -1.68
CA VAL A 386 7.96 -11.37 -1.69
C VAL A 386 8.08 -10.72 -3.07
N VAL A 387 9.30 -10.57 -3.58
CA VAL A 387 9.64 -9.98 -4.91
C VAL A 387 8.93 -10.78 -6.01
N ASN A 388 9.06 -12.11 -5.99
CA ASN A 388 8.45 -13.01 -7.01
C ASN A 388 6.91 -12.88 -6.97
N ALA A 389 6.34 -12.68 -5.79
CA ALA A 389 4.89 -12.67 -5.51
C ALA A 389 4.25 -11.32 -5.85
N ARG A 390 5.03 -10.25 -6.00
CA ARG A 390 4.52 -8.88 -6.28
C ARG A 390 4.86 -8.47 -7.73
N LEU A 391 5.73 -9.24 -8.41
CA LEU A 391 6.33 -8.88 -9.73
C LEU A 391 6.40 -10.12 -10.63
N ARG A 392 5.47 -10.22 -11.57
CA ARG A 392 5.55 -11.14 -12.74
C ARG A 392 6.30 -10.40 -13.86
N ALA A 393 7.40 -10.98 -14.35
CA ALA A 393 8.37 -10.29 -15.23
C ALA A 393 9.01 -11.28 -16.22
N LYS A 394 9.47 -10.76 -17.37
CA LYS A 394 10.10 -11.57 -18.44
C LYS A 394 11.49 -12.02 -17.98
N HIS A 395 12.21 -11.14 -17.26
CA HIS A 395 13.64 -11.28 -16.87
C HIS A 395 13.97 -10.66 -15.51
N TYR A 396 14.40 -11.51 -14.58
CA TYR A 396 14.82 -11.17 -13.19
C TYR A 396 16.36 -11.06 -13.17
N VAL A 397 16.88 -9.94 -12.68
CA VAL A 397 18.35 -9.72 -12.54
C VAL A 397 18.70 -9.58 -11.06
N TYR A 398 19.53 -10.52 -10.57
CA TYR A 398 20.02 -10.62 -9.17
C TYR A 398 21.47 -10.16 -9.11
N ILE A 399 21.67 -8.99 -8.51
CA ILE A 399 22.99 -8.29 -8.47
C ILE A 399 23.51 -8.18 -7.02
N GLY A 400 24.69 -8.73 -6.78
CA GLY A 400 25.50 -8.39 -5.59
C GLY A 400 26.71 -9.28 -5.49
N ASP A 401 27.12 -9.61 -4.27
CA ASP A 401 28.41 -10.26 -3.99
C ASP A 401 28.25 -11.09 -2.73
N PRO A 402 28.37 -12.43 -2.81
CA PRO A 402 28.39 -13.26 -1.61
C PRO A 402 29.63 -13.04 -0.74
N ALA A 403 30.64 -12.29 -1.20
CA ALA A 403 31.84 -11.95 -0.38
C ALA A 403 31.55 -10.73 0.49
N GLN A 404 30.39 -10.10 0.35
CA GLN A 404 29.95 -8.98 1.23
C GLN A 404 28.95 -9.49 2.28
N LEU A 405 28.30 -8.56 2.97
CA LEU A 405 27.60 -8.88 4.23
C LEU A 405 26.18 -9.36 3.95
N PRO A 406 25.71 -10.36 4.71
CA PRO A 406 24.32 -10.79 4.67
C PRO A 406 23.41 -9.98 5.60
N ALA A 407 22.09 -10.18 5.49
CA ALA A 407 21.08 -9.58 6.38
C ALA A 407 21.31 -10.11 7.78
N PRO A 408 21.28 -9.26 8.82
CA PRO A 408 21.53 -9.74 10.18
C PRO A 408 20.42 -10.76 10.50
N ARG A 409 20.80 -11.95 10.96
CA ARG A 409 19.87 -13.01 11.47
C ARG A 409 19.79 -12.90 13.01
N THR A 410 18.91 -12.06 13.54
CA THR A 410 18.89 -11.67 14.97
C THR A 410 18.77 -12.88 15.90
N LEU A 411 18.20 -14.02 15.47
CA LEU A 411 18.04 -15.18 16.37
C LEU A 411 19.31 -16.04 16.38
N LEU A 412 20.15 -15.89 15.37
CA LEU A 412 21.37 -16.73 15.20
C LEU A 412 22.44 -16.30 16.20
N THR A 413 22.77 -17.15 17.19
CA THR A 413 23.80 -16.86 18.22
C THR A 413 24.90 -17.92 18.18
N LYS A 414 24.69 -19.05 17.49
CA LYS A 414 25.66 -20.18 17.56
C LYS A 414 26.06 -20.64 16.15
N GLY A 415 27.36 -20.53 15.83
CA GLY A 415 27.94 -20.89 14.53
C GLY A 415 27.89 -19.69 13.59
N THR A 416 28.66 -19.75 12.51
CA THR A 416 28.69 -18.68 11.47
C THR A 416 27.93 -19.15 10.22
N LEU A 417 27.18 -18.23 9.63
CA LEU A 417 26.45 -18.41 8.36
C LEU A 417 27.41 -18.17 7.20
N GLU A 418 27.91 -19.23 6.56
CA GLU A 418 28.76 -19.12 5.34
C GLU A 418 27.96 -18.47 4.21
N PRO A 419 28.61 -17.80 3.25
CA PRO A 419 27.90 -17.17 2.13
C PRO A 419 27.03 -18.11 1.27
N GLU A 420 27.42 -19.38 1.11
CA GLU A 420 26.63 -20.35 0.31
C GLU A 420 25.28 -20.64 0.98
N TYR A 421 24.95 -20.01 2.10
CA TYR A 421 23.68 -20.24 2.85
C TYR A 421 22.96 -18.93 3.11
N PHE A 422 23.37 -17.84 2.45
CA PHE A 422 22.78 -16.50 2.68
C PHE A 422 21.35 -16.52 2.14
N ASN A 423 21.19 -17.05 0.94
CA ASN A 423 19.90 -17.26 0.23
C ASN A 423 20.19 -18.17 -0.96
N SER A 424 19.21 -18.38 -1.84
CA SER A 424 19.31 -19.35 -2.96
C SER A 424 20.26 -18.80 -4.05
N VAL A 425 20.17 -17.50 -4.32
CA VAL A 425 21.04 -16.74 -5.26
C VAL A 425 22.51 -16.96 -4.83
N CYS A 426 22.87 -16.52 -3.63
CA CYS A 426 24.24 -16.67 -3.09
C CYS A 426 24.63 -18.15 -3.16
N ARG A 427 23.73 -19.05 -2.74
CA ARG A 427 24.04 -20.50 -2.78
C ARG A 427 24.44 -20.85 -4.22
N LEU A 428 23.65 -20.42 -5.21
CA LEU A 428 23.97 -20.70 -6.63
C LEU A 428 25.37 -20.13 -6.93
N MET A 429 25.59 -18.86 -6.60
CA MET A 429 26.86 -18.15 -6.90
C MET A 429 28.05 -18.93 -6.33
N LYS A 430 27.86 -19.66 -5.23
CA LYS A 430 28.98 -20.23 -4.44
C LYS A 430 29.23 -21.70 -4.82
N THR A 431 28.37 -22.29 -5.64
CA THR A 431 28.34 -23.76 -5.93
C THR A 431 28.60 -24.00 -7.42
N ILE A 432 27.89 -23.31 -8.32
CA ILE A 432 28.00 -23.46 -9.80
C ILE A 432 28.34 -22.10 -10.44
N GLY A 433 28.94 -21.19 -9.68
CA GLY A 433 29.36 -19.86 -10.17
C GLY A 433 28.15 -18.97 -10.43
N PRO A 434 28.37 -17.64 -10.49
CA PRO A 434 27.34 -16.72 -10.98
C PRO A 434 27.35 -16.76 -12.51
N ASP A 435 26.32 -16.19 -13.13
CA ASP A 435 26.19 -16.16 -14.62
C ASP A 435 27.30 -15.25 -15.15
N MET A 436 27.57 -14.15 -14.45
CA MET A 436 28.38 -13.00 -14.92
C MET A 436 29.15 -12.40 -13.73
N PHE A 437 30.46 -12.19 -13.89
CA PHE A 437 31.42 -11.73 -12.84
C PHE A 437 32.10 -10.43 -13.30
N LEU A 438 31.86 -9.31 -12.60
CA LEU A 438 32.57 -8.02 -12.82
C LEU A 438 33.96 -8.06 -12.18
N GLY A 439 35.00 -8.36 -12.98
CA GLY A 439 36.33 -8.77 -12.51
C GLY A 439 37.34 -7.63 -12.30
N THR A 440 36.94 -6.36 -12.49
CA THR A 440 37.87 -5.21 -12.47
C THR A 440 37.36 -4.19 -11.46
N CYS A 441 38.06 -4.06 -10.33
CA CYS A 441 37.74 -3.03 -9.31
C CYS A 441 38.31 -1.68 -9.77
N ARG A 442 37.46 -0.67 -9.92
CA ARG A 442 37.87 0.67 -10.39
C ARG A 442 37.99 1.61 -9.20
N ARG A 443 37.62 1.19 -8.00
CA ARG A 443 37.47 2.14 -6.87
C ARG A 443 38.77 2.20 -6.08
N CYS A 444 39.40 1.05 -5.82
CA CYS A 444 40.33 0.88 -4.68
C CYS A 444 41.78 0.90 -5.15
N PRO A 445 42.68 1.48 -4.33
CA PRO A 445 44.12 1.34 -4.53
C PRO A 445 44.44 -0.14 -4.66
N ALA A 446 45.44 -0.51 -5.47
CA ALA A 446 45.76 -1.93 -5.78
C ALA A 446 46.11 -2.72 -4.52
N GLU A 447 46.67 -2.08 -3.49
CA GLU A 447 47.01 -2.73 -2.20
C GLU A 447 45.74 -3.40 -1.65
N ILE A 448 44.62 -2.68 -1.64
CA ILE A 448 43.31 -3.17 -1.17
C ILE A 448 42.78 -4.25 -2.11
N VAL A 449 42.81 -3.99 -3.41
CA VAL A 449 42.27 -4.93 -4.44
C VAL A 449 43.05 -6.25 -4.34
N ASP A 450 44.37 -6.17 -4.27
CA ASP A 450 45.26 -7.36 -4.19
C ASP A 450 44.92 -8.15 -2.92
N THR A 451 44.59 -7.47 -1.82
CA THR A 451 44.34 -8.13 -0.52
C THR A 451 43.04 -8.95 -0.59
N VAL A 452 41.92 -8.29 -0.93
CA VAL A 452 40.59 -8.95 -0.95
C VAL A 452 40.56 -9.95 -2.11
N SER A 453 41.23 -9.67 -3.23
CA SER A 453 41.28 -10.59 -4.39
C SER A 453 41.78 -11.97 -3.91
N ALA A 454 42.81 -12.00 -3.09
CA ALA A 454 43.37 -13.25 -2.53
C ALA A 454 42.44 -13.77 -1.42
N LEU A 455 41.82 -12.88 -0.63
CA LEU A 455 41.07 -13.26 0.59
C LEU A 455 39.72 -13.88 0.22
N VAL A 456 38.97 -13.32 -0.74
CA VAL A 456 37.57 -13.77 -0.96
C VAL A 456 37.23 -14.01 -2.43
N TYR A 457 38.11 -13.70 -3.39
CA TYR A 457 37.78 -13.81 -4.84
C TYR A 457 38.80 -14.70 -5.58
N ASP A 458 39.43 -15.64 -4.89
CA ASP A 458 40.37 -16.61 -5.49
C ASP A 458 41.20 -15.89 -6.56
N ASN A 459 41.70 -14.70 -6.26
CA ASN A 459 42.64 -13.91 -7.10
C ASN A 459 42.03 -13.56 -8.46
N LYS A 460 40.72 -13.69 -8.63
CA LYS A 460 40.07 -13.40 -9.93
C LYS A 460 39.74 -11.91 -10.01
N LEU A 461 39.91 -11.13 -8.93
CA LEU A 461 39.59 -9.67 -8.94
C LEU A 461 40.87 -8.88 -9.24
N LYS A 462 40.78 -8.00 -10.23
CA LYS A 462 41.92 -7.24 -10.77
C LYS A 462 41.71 -5.77 -10.40
N ALA A 463 42.82 -5.07 -10.20
CA ALA A 463 42.91 -3.64 -9.86
C ALA A 463 43.03 -2.87 -11.16
N HIS A 464 42.13 -1.94 -11.39
CA HIS A 464 42.32 -0.89 -12.42
C HIS A 464 43.33 0.13 -11.90
N LYS A 465 43.18 0.55 -10.65
CA LYS A 465 44.04 1.61 -10.07
C LYS A 465 45.43 1.04 -9.80
N ASP A 466 46.40 1.95 -9.75
CA ASP A 466 47.76 1.74 -9.22
C ASP A 466 47.65 1.61 -7.69
N LYS A 467 48.62 0.96 -7.04
CA LYS A 467 48.86 1.14 -5.59
C LYS A 467 48.85 2.65 -5.29
N SER A 468 48.17 3.09 -4.25
CA SER A 468 48.14 4.51 -3.83
C SER A 468 49.42 4.87 -3.05
N ALA A 469 50.10 3.88 -2.47
CA ALA A 469 51.08 4.03 -1.37
C ALA A 469 50.51 4.91 -0.24
N GLN A 470 49.18 4.91 -0.06
CA GLN A 470 48.47 5.57 1.05
C GLN A 470 47.62 4.55 1.83
N CYS A 471 48.05 3.30 1.90
CA CYS A 471 47.33 2.20 2.58
C CYS A 471 48.27 1.67 3.65
N PHE A 472 47.88 1.78 4.91
CA PHE A 472 48.76 1.50 6.08
C PHE A 472 48.04 0.58 7.04
N LYS A 473 48.81 -0.34 7.61
CA LYS A 473 48.33 -1.30 8.62
C LYS A 473 49.19 -1.08 9.86
N MET A 474 48.61 -1.25 11.04
CA MET A 474 49.39 -1.24 12.30
C MET A 474 48.80 -2.31 13.21
N PHE A 475 49.62 -3.19 13.74
CA PHE A 475 49.19 -4.24 14.68
C PHE A 475 49.25 -3.65 16.09
N TYR A 476 48.09 -3.35 16.67
CA TYR A 476 47.97 -2.72 18.02
C TYR A 476 46.72 -3.24 18.73
N LYS A 477 46.89 -4.25 19.58
CA LYS A 477 45.76 -4.94 20.27
C LYS A 477 45.10 -3.96 21.24
N GLY A 478 45.84 -3.03 21.83
CA GLY A 478 45.27 -2.01 22.73
C GLY A 478 44.57 -2.66 23.91
N VAL A 479 43.37 -2.21 24.24
CA VAL A 479 42.65 -2.58 25.48
C VAL A 479 41.18 -2.56 25.11
N ILE A 480 40.50 -3.68 25.30
CA ILE A 480 39.10 -3.81 24.86
C ILE A 480 38.26 -3.57 26.11
N THR A 481 37.42 -2.54 26.08
CA THR A 481 36.36 -2.32 27.08
C THR A 481 35.08 -2.70 26.36
N HIS A 482 33.99 -2.91 27.10
CA HIS A 482 32.65 -3.16 26.54
C HIS A 482 31.66 -2.21 27.21
N ASP A 483 30.86 -1.52 26.39
CA ASP A 483 29.63 -0.80 26.81
C ASP A 483 28.48 -1.77 26.54
N VAL A 484 28.13 -2.54 27.57
CA VAL A 484 27.21 -3.73 27.50
C VAL A 484 27.96 -4.81 26.70
N SER A 485 27.55 -5.09 25.46
CA SER A 485 28.16 -6.12 24.57
C SER A 485 28.98 -5.47 23.44
N SER A 486 28.61 -4.26 22.97
CA SER A 486 29.39 -3.48 21.97
C SER A 486 30.76 -3.12 22.56
N ALA A 487 31.81 -3.31 21.79
CA ALA A 487 33.23 -3.16 22.20
C ALA A 487 33.71 -1.75 21.91
N ILE A 488 34.65 -1.29 22.73
CA ILE A 488 35.43 -0.04 22.56
C ILE A 488 36.90 -0.43 22.69
N ASN A 489 37.77 0.27 21.98
CA ASN A 489 39.24 0.16 22.14
C ASN A 489 39.80 1.58 22.12
N ARG A 490 39.99 2.19 23.30
CA ARG A 490 40.45 3.59 23.39
C ARG A 490 41.90 3.65 22.89
N PRO A 491 42.82 2.80 23.36
CA PRO A 491 44.17 2.87 22.83
C PRO A 491 44.22 2.92 21.28
N GLN A 492 43.40 2.10 20.59
CA GLN A 492 43.40 2.08 19.10
C GLN A 492 42.93 3.45 18.60
N ILE A 493 41.94 4.06 19.23
CA ILE A 493 41.53 5.46 18.89
C ILE A 493 42.68 6.43 19.20
N GLY A 494 43.47 6.17 20.22
CA GLY A 494 44.60 7.04 20.59
C GLY A 494 45.69 6.99 19.54
N VAL A 495 45.98 5.80 19.02
CA VAL A 495 46.91 5.61 17.87
C VAL A 495 46.42 6.41 16.65
N VAL A 496 45.11 6.49 16.41
CA VAL A 496 44.53 7.22 15.26
C VAL A 496 44.68 8.72 15.51
N ARG A 497 44.40 9.18 16.73
CA ARG A 497 44.68 10.57 17.16
C ARG A 497 46.15 10.89 16.79
N GLU A 498 47.11 10.07 17.19
CA GLU A 498 48.55 10.38 16.96
C GLU A 498 48.81 10.49 15.46
N PHE A 499 48.27 9.56 14.67
CA PHE A 499 48.42 9.48 13.19
C PHE A 499 47.80 10.72 12.52
N LEU A 500 46.62 11.17 12.97
CA LEU A 500 45.96 12.34 12.35
C LEU A 500 46.86 13.59 12.49
N THR A 501 47.57 13.77 13.61
CA THR A 501 48.46 14.94 13.81
C THR A 501 49.60 14.88 12.78
N ARG A 502 50.05 13.69 12.39
CA ARG A 502 51.21 13.51 11.49
C ARG A 502 50.77 13.32 10.03
N ASN A 503 49.47 13.33 9.76
CA ASN A 503 48.89 13.03 8.43
C ASN A 503 47.66 13.90 8.22
N PRO A 504 47.79 15.25 8.18
CA PRO A 504 46.62 16.13 8.16
C PRO A 504 45.71 15.95 6.94
N ALA A 505 46.23 15.38 5.84
CA ALA A 505 45.46 14.95 4.64
C ALA A 505 44.30 14.03 5.04
N TRP A 506 44.45 13.26 6.13
CA TRP A 506 43.44 12.25 6.56
C TRP A 506 42.39 12.88 7.48
N ARG A 507 42.42 14.20 7.67
CA ARG A 507 41.50 14.95 8.58
C ARG A 507 40.05 14.78 8.11
N LYS A 508 39.84 14.40 6.85
CA LYS A 508 38.51 14.24 6.19
C LYS A 508 38.12 12.74 6.12
N ALA A 509 38.95 11.85 6.66
CA ALA A 509 38.73 10.38 6.60
C ALA A 509 37.41 10.02 7.31
N VAL A 510 36.68 9.05 6.78
CA VAL A 510 35.56 8.38 7.50
C VAL A 510 36.20 7.37 8.42
N PHE A 511 35.87 7.42 9.71
CA PHE A 511 36.29 6.43 10.74
C PHE A 511 35.33 5.24 10.67
N ILE A 512 35.85 4.02 10.54
CA ILE A 512 35.04 2.78 10.39
C ILE A 512 35.54 1.75 11.39
N SER A 513 34.59 1.05 12.02
CA SER A 513 34.83 -0.03 13.02
C SER A 513 33.68 -1.01 12.92
N PRO A 514 33.90 -2.25 13.42
CA PRO A 514 32.83 -3.24 13.50
C PRO A 514 31.83 -3.01 14.64
N TYR A 515 31.97 -1.93 15.42
CA TYR A 515 31.21 -1.71 16.69
C TYR A 515 30.75 -0.24 16.82
N ASN A 516 29.46 -0.05 17.13
CA ASN A 516 28.83 1.28 17.38
C ASN A 516 29.51 2.01 18.54
N SER A 517 29.78 1.31 19.65
CA SER A 517 30.30 1.97 20.86
C SER A 517 31.67 2.58 20.53
N GLN A 518 32.53 1.82 19.87
CA GLN A 518 33.85 2.29 19.36
C GLN A 518 33.61 3.54 18.51
N ASN A 519 32.62 3.50 17.63
CA ASN A 519 32.31 4.62 16.70
C ASN A 519 31.87 5.82 17.56
N ALA A 520 30.96 5.60 18.51
CA ALA A 520 30.50 6.61 19.49
C ALA A 520 31.70 7.34 20.07
N VAL A 521 32.70 6.58 20.55
CA VAL A 521 33.88 7.15 21.26
C VAL A 521 34.79 7.90 20.27
N ALA A 522 35.04 7.31 19.10
CA ALA A 522 35.94 7.88 18.06
C ALA A 522 35.32 9.17 17.54
N SER A 523 34.00 9.19 17.41
CA SER A 523 33.23 10.42 17.08
C SER A 523 33.66 11.54 18.05
N LYS A 524 33.49 11.33 19.35
CA LYS A 524 33.75 12.32 20.43
C LYS A 524 35.24 12.70 20.46
N ILE A 525 36.16 11.76 20.26
CA ILE A 525 37.62 12.03 20.42
C ILE A 525 38.23 12.53 19.10
N LEU A 526 37.90 11.91 17.96
CA LEU A 526 38.55 12.22 16.66
C LEU A 526 37.84 13.37 15.94
N GLY A 527 36.50 13.40 15.99
CA GLY A 527 35.68 14.42 15.30
C GLY A 527 35.35 14.04 13.87
N LEU A 528 35.82 12.88 13.40
CA LEU A 528 35.59 12.35 12.03
C LEU A 528 34.16 11.84 11.95
N PRO A 529 33.53 11.80 10.76
CA PRO A 529 32.30 11.06 10.58
C PRO A 529 32.60 9.57 10.78
N THR A 530 31.55 8.82 11.08
CA THR A 530 31.62 7.50 11.75
C THR A 530 30.69 6.53 11.03
N GLN A 531 31.10 5.28 10.92
CA GLN A 531 30.33 4.25 10.18
C GLN A 531 30.74 2.86 10.66
N THR A 532 29.77 2.00 10.98
CA THR A 532 30.01 0.55 11.20
C THR A 532 30.32 -0.06 9.86
N VAL A 533 31.04 -1.17 9.82
CA VAL A 533 31.34 -1.82 8.52
C VAL A 533 30.04 -2.14 7.79
N ASP A 534 29.04 -2.65 8.51
CA ASP A 534 27.75 -3.13 7.95
C ASP A 534 27.04 -1.93 7.28
N SER A 535 27.02 -0.75 7.89
CA SER A 535 26.38 0.46 7.29
C SER A 535 27.28 1.13 6.23
N SER A 536 28.56 0.76 6.12
CA SER A 536 29.50 1.27 5.09
C SER A 536 29.24 0.57 3.75
N GLN A 537 28.67 -0.64 3.76
CA GLN A 537 28.50 -1.48 2.54
C GLN A 537 27.71 -0.70 1.47
N GLY A 538 28.20 -0.66 0.24
CA GLY A 538 27.62 0.13 -0.88
C GLY A 538 28.17 1.57 -0.99
N SER A 539 28.86 2.08 0.03
CA SER A 539 29.41 3.46 0.09
C SER A 539 30.92 3.44 -0.20
N GLU A 540 31.49 4.60 -0.55
CA GLU A 540 32.94 4.79 -0.80
C GLU A 540 33.35 6.20 -0.36
N TYR A 541 34.56 6.32 0.16
CA TYR A 541 35.14 7.56 0.69
C TYR A 541 36.60 7.58 0.30
N ASP A 542 37.18 8.76 0.13
CA ASP A 542 38.59 8.91 -0.32
C ASP A 542 39.48 8.18 0.69
N TYR A 543 39.29 8.51 1.96
CA TYR A 543 40.13 8.07 3.10
C TYR A 543 39.24 7.38 4.13
N VAL A 544 39.68 6.20 4.54
CA VAL A 544 39.02 5.33 5.55
C VAL A 544 40.05 5.08 6.64
N ILE A 545 39.63 5.24 7.89
CA ILE A 545 40.38 4.73 9.08
C ILE A 545 39.51 3.64 9.71
N PHE A 546 40.10 2.46 9.85
CA PHE A 546 39.49 1.23 10.36
C PHE A 546 40.27 0.79 11.60
N THR A 547 39.62 0.78 12.76
CA THR A 547 40.11 0.10 14.00
C THR A 547 39.31 -1.19 14.11
N GLN A 548 39.99 -2.34 14.09
CA GLN A 548 39.32 -3.66 14.18
C GLN A 548 38.62 -3.77 15.54
N THR A 549 39.18 -3.13 16.56
CA THR A 549 38.62 -2.95 17.92
C THR A 549 38.90 -4.18 18.77
N THR A 550 38.40 -5.32 18.33
CA THR A 550 38.49 -6.62 19.06
C THR A 550 38.99 -7.68 18.08
N GLU A 551 39.10 -8.89 18.57
CA GLU A 551 39.63 -10.07 17.85
C GLU A 551 38.54 -11.14 17.88
N THR A 552 37.28 -10.76 17.69
CA THR A 552 36.11 -11.66 17.74
C THR A 552 35.79 -12.24 16.36
N ALA A 553 34.90 -13.24 16.30
CA ALA A 553 34.33 -13.84 15.07
C ALA A 553 33.72 -12.74 14.20
N HIS A 554 33.02 -11.78 14.81
CA HIS A 554 32.42 -10.55 14.22
C HIS A 554 33.48 -9.67 13.53
N SER A 555 34.54 -9.30 14.24
CA SER A 555 35.55 -8.33 13.77
C SER A 555 36.56 -9.01 12.83
N CYS A 556 36.60 -10.35 12.80
CA CYS A 556 37.51 -11.11 11.91
C CYS A 556 36.72 -11.75 10.76
N ASN A 557 35.42 -11.50 10.67
CA ASN A 557 34.63 -12.07 9.57
C ASN A 557 35.25 -11.55 8.26
N VAL A 558 35.66 -12.44 7.36
CA VAL A 558 36.37 -12.06 6.10
C VAL A 558 35.46 -11.23 5.21
N ASN A 559 34.15 -11.49 5.20
CA ASN A 559 33.17 -10.69 4.41
C ASN A 559 33.10 -9.26 4.97
N ARG A 560 33.00 -9.10 6.28
CA ARG A 560 33.01 -7.77 6.94
C ARG A 560 34.35 -7.08 6.68
N PHE A 561 35.47 -7.82 6.80
CA PHE A 561 36.81 -7.25 6.54
C PHE A 561 36.90 -6.75 5.09
N ASN A 562 36.67 -7.65 4.13
CA ASN A 562 36.46 -7.32 2.69
C ASN A 562 35.70 -5.99 2.53
N VAL A 563 34.49 -5.89 3.10
CA VAL A 563 33.68 -4.66 2.94
C VAL A 563 34.47 -3.49 3.52
N ALA A 564 34.97 -3.63 4.74
CA ALA A 564 35.61 -2.53 5.52
C ALA A 564 36.67 -1.84 4.66
N ILE A 565 37.59 -2.59 4.06
CA ILE A 565 38.80 -1.98 3.44
C ILE A 565 38.52 -1.53 2.01
N THR A 566 37.53 -2.15 1.32
CA THR A 566 37.11 -1.78 -0.05
C THR A 566 36.12 -0.60 -0.03
N ARG A 567 35.99 0.15 1.05
CA ARG A 567 35.28 1.46 1.03
C ARG A 567 36.19 2.58 0.49
N ALA A 568 37.51 2.38 0.49
CA ALA A 568 38.50 3.47 0.29
C ALA A 568 38.81 3.66 -1.20
N LYS A 569 38.87 4.92 -1.66
CA LYS A 569 39.26 5.27 -3.05
C LYS A 569 40.75 5.56 -3.11
N VAL A 570 41.33 6.17 -2.08
CA VAL A 570 42.72 6.73 -2.11
C VAL A 570 43.58 6.09 -1.02
N GLY A 571 43.16 6.25 0.23
CA GLY A 571 43.97 5.73 1.36
C GLY A 571 43.14 5.00 2.40
N ILE A 572 43.80 4.11 3.13
CA ILE A 572 43.24 3.44 4.33
C ILE A 572 44.36 3.24 5.36
N LEU A 573 43.99 3.42 6.63
CA LEU A 573 44.77 3.03 7.82
C LEU A 573 43.96 1.95 8.55
N CYS A 574 44.57 0.79 8.74
CA CYS A 574 43.98 -0.34 9.46
C CYS A 574 44.78 -0.54 10.74
N ILE A 575 44.20 -0.17 11.87
CA ILE A 575 44.68 -0.62 13.21
C ILE A 575 44.08 -1.99 13.47
N MET A 576 44.90 -3.03 13.47
CA MET A 576 44.46 -4.44 13.47
C MET A 576 44.65 -5.06 14.86
N SER A 577 43.79 -6.01 15.21
CA SER A 577 43.91 -6.83 16.45
C SER A 577 44.30 -8.27 16.09
N ASP A 578 43.95 -8.72 14.88
CA ASP A 578 44.12 -10.11 14.38
C ASP A 578 45.37 -10.19 13.50
N ARG A 579 46.34 -11.00 13.92
CA ARG A 579 47.65 -11.21 13.26
C ARG A 579 47.41 -11.69 11.83
N ASP A 580 46.45 -12.59 11.61
CA ASP A 580 46.22 -13.25 10.30
C ASP A 580 45.80 -12.18 9.28
N LEU A 581 44.70 -11.49 9.55
CA LEU A 581 44.18 -10.42 8.69
C LEU A 581 45.21 -9.29 8.57
N TYR A 582 45.95 -8.99 9.65
CA TYR A 582 47.02 -7.96 9.62
C TYR A 582 48.09 -8.40 8.62
N ASP A 583 48.56 -9.65 8.71
CA ASP A 583 49.66 -10.14 7.84
C ASP A 583 49.16 -10.15 6.39
N LYS A 584 47.88 -10.48 6.17
CA LYS A 584 47.30 -10.61 4.81
C LYS A 584 47.19 -9.24 4.12
N LEU A 585 47.02 -8.15 4.89
CA LEU A 585 46.97 -6.79 4.33
C LEU A 585 48.28 -6.47 3.58
N GLN A 586 48.19 -6.22 2.28
CA GLN A 586 49.37 -5.87 1.44
C GLN A 586 49.58 -4.36 1.52
N PHE A 587 49.77 -3.86 2.76
CA PHE A 587 49.94 -2.43 3.08
C PHE A 587 51.30 -2.28 3.75
N THR A 588 51.80 -1.06 3.69
CA THR A 588 52.95 -0.56 4.45
C THR A 588 52.58 -0.57 5.93
N SER A 589 53.36 -1.29 6.76
CA SER A 589 53.22 -1.25 8.23
C SER A 589 53.82 0.06 8.74
N LEU A 590 53.05 0.77 9.56
CA LEU A 590 53.51 1.92 10.38
C LEU A 590 54.13 1.40 11.67
N GLU A 591 54.78 2.27 12.46
CA GLU A 591 55.38 1.91 13.77
C GLU A 591 54.84 2.85 14.87
N ILE A 592 54.79 2.30 16.09
CA ILE A 592 54.45 2.90 17.43
C ILE A 592 53.81 1.77 18.27
N VAL B 2 3.46 0.72 -26.24
CA VAL B 2 2.69 -0.27 -27.06
C VAL B 2 1.51 -0.77 -26.22
N GLY B 3 0.28 -0.69 -26.76
CA GLY B 3 -0.96 -1.09 -26.06
C GLY B 3 -2.15 -1.30 -27.00
N ALA B 4 -3.37 -1.05 -26.50
CA ALA B 4 -4.65 -1.36 -27.15
C ALA B 4 -5.55 -0.13 -27.17
N CYS B 5 -6.19 0.16 -28.30
CA CYS B 5 -6.98 1.40 -28.54
C CYS B 5 -8.17 1.43 -27.58
N VAL B 6 -8.35 2.53 -26.83
CA VAL B 6 -9.50 2.70 -25.88
C VAL B 6 -10.81 2.88 -26.66
N LEU B 7 -10.79 2.76 -28.00
CA LEU B 7 -12.00 2.94 -28.83
C LEU B 7 -12.27 1.68 -29.68
N CYS B 8 -11.22 1.06 -30.23
CA CYS B 8 -11.32 -0.08 -31.19
C CYS B 8 -10.61 -1.32 -30.63
N ASN B 9 -9.82 -1.16 -29.57
CA ASN B 9 -9.00 -2.24 -28.97
C ASN B 9 -7.88 -2.68 -29.91
N SER B 10 -7.84 -2.13 -31.13
CA SER B 10 -6.76 -2.38 -32.13
C SER B 10 -5.42 -1.96 -31.50
N GLN B 11 -4.41 -2.83 -31.56
CA GLN B 11 -3.07 -2.57 -30.97
C GLN B 11 -2.57 -1.22 -31.51
N THR B 12 -1.58 -0.59 -30.86
CA THR B 12 -1.00 0.72 -31.27
C THR B 12 0.40 0.90 -30.69
N SER B 13 1.19 1.82 -31.28
CA SER B 13 2.42 2.38 -30.67
C SER B 13 2.14 3.81 -30.19
N LEU B 14 0.90 4.28 -30.32
CA LEU B 14 0.53 5.72 -30.16
C LEU B 14 -0.34 5.90 -28.91
N ARG B 15 -0.07 6.97 -28.17
CA ARG B 15 -1.02 7.52 -27.16
C ARG B 15 -1.21 8.99 -27.49
N CYS B 16 -2.42 9.52 -27.32
CA CYS B 16 -2.66 10.98 -27.34
C CYS B 16 -1.89 11.56 -26.17
N GLY B 17 -0.93 12.46 -26.43
CA GLY B 17 -0.08 13.08 -25.41
C GLY B 17 -0.74 14.27 -24.75
N ALA B 18 -1.88 14.74 -25.29
CA ALA B 18 -2.63 15.94 -24.83
C ALA B 18 -3.82 15.55 -23.94
N CYS B 19 -4.30 14.30 -24.06
CA CYS B 19 -5.25 13.66 -23.10
C CYS B 19 -4.53 13.39 -21.77
N ILE B 20 -5.11 13.85 -20.66
CA ILE B 20 -4.49 13.69 -19.29
C ILE B 20 -4.18 12.20 -19.08
N ARG B 21 -4.98 11.29 -19.63
CA ARG B 21 -4.82 9.83 -19.36
C ARG B 21 -3.86 9.19 -20.37
N ARG B 22 -3.45 9.91 -21.42
CA ARG B 22 -2.57 9.39 -22.49
C ARG B 22 -3.10 8.06 -23.01
N PRO B 23 -4.39 7.98 -23.41
CA PRO B 23 -4.98 6.74 -23.87
C PRO B 23 -4.25 6.20 -25.11
N PHE B 24 -4.14 4.87 -25.23
CA PHE B 24 -3.78 4.20 -26.50
C PHE B 24 -4.88 4.48 -27.52
N LEU B 25 -4.52 5.10 -28.64
CA LEU B 25 -5.38 5.25 -29.85
C LEU B 25 -4.66 4.61 -31.06
N CYS B 26 -5.35 3.74 -31.80
CA CYS B 26 -4.80 3.07 -33.00
C CYS B 26 -4.50 4.13 -34.06
N CYS B 27 -3.89 3.70 -35.16
CA CYS B 27 -3.50 4.58 -36.29
C CYS B 27 -4.74 5.36 -36.75
N LYS B 28 -5.93 4.74 -36.75
CA LYS B 28 -7.17 5.33 -37.34
C LYS B 28 -7.81 6.28 -36.31
N CYS B 29 -8.00 5.83 -35.07
CA CYS B 29 -8.71 6.59 -34.01
C CYS B 29 -7.84 7.81 -33.63
N CYS B 30 -6.51 7.63 -33.60
CA CYS B 30 -5.57 8.70 -33.20
C CYS B 30 -5.71 9.89 -34.17
N TYR B 31 -5.76 9.58 -35.46
CA TYR B 31 -6.02 10.53 -36.57
C TYR B 31 -7.38 11.23 -36.36
N ASP B 32 -8.43 10.44 -36.21
CA ASP B 32 -9.81 10.97 -36.05
C ASP B 32 -9.88 11.90 -34.83
N HIS B 33 -9.14 11.61 -33.76
CA HIS B 33 -9.05 12.45 -32.54
C HIS B 33 -8.25 13.72 -32.82
N VAL B 34 -7.05 13.61 -33.42
CA VAL B 34 -6.14 14.80 -33.57
C VAL B 34 -6.78 15.83 -34.50
N ILE B 35 -7.47 15.43 -35.59
CA ILE B 35 -7.92 16.43 -36.60
C ILE B 35 -9.30 17.00 -36.22
N SER B 36 -9.93 16.53 -35.14
CA SER B 36 -11.29 16.94 -34.72
C SER B 36 -11.25 17.76 -33.45
N THR B 37 -10.09 17.79 -32.75
CA THR B 37 -9.84 18.50 -31.46
C THR B 37 -8.55 19.33 -31.54
N SER B 38 -8.22 20.04 -30.46
CA SER B 38 -6.94 20.77 -30.25
C SER B 38 -5.81 19.80 -29.85
N HIS B 39 -6.10 18.53 -29.59
CA HIS B 39 -5.09 17.57 -29.09
C HIS B 39 -4.17 17.19 -30.25
N LYS B 40 -2.92 17.66 -30.28
CA LYS B 40 -2.03 17.39 -31.44
C LYS B 40 -0.75 16.66 -31.01
N LEU B 41 -0.43 16.59 -29.72
CA LEU B 41 0.79 15.85 -29.31
C LEU B 41 0.44 14.36 -29.38
N VAL B 42 1.30 13.55 -30.02
CA VAL B 42 1.10 12.08 -30.16
C VAL B 42 2.38 11.38 -29.67
N LEU B 43 2.22 10.34 -28.86
CA LEU B 43 3.32 9.68 -28.13
C LEU B 43 3.53 8.29 -28.70
N SER B 44 4.77 7.95 -29.01
CA SER B 44 5.22 6.57 -29.35
C SER B 44 6.47 6.27 -28.55
N VAL B 45 7.11 5.12 -28.81
CA VAL B 45 8.44 4.74 -28.27
C VAL B 45 9.21 6.04 -27.95
N ASN B 46 9.15 7.02 -28.86
CA ASN B 46 9.54 8.43 -28.60
C ASN B 46 8.31 9.33 -28.85
N PRO B 47 8.24 10.54 -28.26
CA PRO B 47 7.19 11.48 -28.63
C PRO B 47 7.36 11.95 -30.09
N TYR B 48 6.24 12.24 -30.76
CA TYR B 48 6.21 12.85 -32.11
C TYR B 48 6.44 14.34 -31.93
N VAL B 49 7.72 14.74 -32.02
CA VAL B 49 8.18 16.16 -31.91
C VAL B 49 9.33 16.32 -32.92
N CYS B 50 9.62 17.53 -33.38
CA CYS B 50 10.74 17.76 -34.33
C CYS B 50 12.07 17.53 -33.60
N ASN B 51 12.88 16.59 -34.13
CA ASN B 51 14.19 16.20 -33.54
C ASN B 51 15.26 17.20 -34.01
N ALA B 52 14.91 18.18 -34.85
CA ALA B 52 15.82 19.24 -35.35
C ALA B 52 16.01 20.29 -34.26
N PRO B 53 17.26 20.78 -34.05
CA PRO B 53 17.61 21.57 -32.85
C PRO B 53 17.02 22.99 -32.86
N GLY B 54 16.40 23.40 -31.75
CA GLY B 54 15.78 24.72 -31.57
C GLY B 54 14.31 24.73 -31.96
N CYS B 55 13.81 23.61 -32.47
CA CYS B 55 12.42 23.46 -33.02
C CYS B 55 11.47 22.95 -31.92
N ASP B 56 10.39 23.69 -31.67
CA ASP B 56 9.35 23.37 -30.65
C ASP B 56 8.12 22.77 -31.35
N VAL B 57 8.27 22.22 -32.57
CA VAL B 57 7.12 21.70 -33.37
C VAL B 57 6.75 20.32 -32.81
N THR B 58 5.54 20.24 -32.24
CA THR B 58 4.97 19.06 -31.52
C THR B 58 3.71 18.54 -32.22
N ASP B 59 3.07 19.35 -33.06
CA ASP B 59 1.80 19.02 -33.75
C ASP B 59 2.05 17.91 -34.79
N VAL B 60 1.33 16.79 -34.67
CA VAL B 60 1.54 15.58 -35.50
C VAL B 60 1.20 15.90 -36.97
N THR B 61 0.23 16.79 -37.22
CA THR B 61 -0.22 17.21 -38.57
C THR B 61 0.90 17.97 -39.28
N GLN B 62 1.82 18.58 -38.52
CA GLN B 62 2.96 19.40 -39.01
C GLN B 62 4.26 18.60 -38.94
N LEU B 63 4.22 17.29 -38.78
CA LEU B 63 5.46 16.48 -38.60
C LEU B 63 5.54 15.36 -39.64
N TYR B 64 6.76 14.86 -39.89
CA TYR B 64 7.11 13.86 -40.94
C TYR B 64 8.18 12.92 -40.37
N LEU B 65 8.12 11.62 -40.70
CA LEU B 65 9.24 10.67 -40.44
C LEU B 65 10.34 10.89 -41.48
N GLY B 66 11.55 11.25 -41.02
CA GLY B 66 12.77 11.39 -41.85
C GLY B 66 13.77 10.29 -41.55
N GLY B 67 13.55 9.10 -42.11
CA GLY B 67 14.35 7.88 -41.83
C GLY B 67 13.88 7.22 -40.55
N MET B 68 14.56 7.49 -39.43
CA MET B 68 14.28 6.89 -38.10
C MET B 68 13.96 7.98 -37.06
N SER B 69 14.23 9.25 -37.38
CA SER B 69 13.93 10.45 -36.54
C SER B 69 12.72 11.21 -37.14
N TYR B 70 12.16 12.16 -36.38
CA TYR B 70 10.92 12.91 -36.73
C TYR B 70 11.26 14.38 -36.91
N TYR B 71 10.55 15.06 -37.81
CA TYR B 71 10.82 16.47 -38.22
C TYR B 71 9.51 17.15 -38.67
N CYS B 72 9.48 18.47 -38.51
CA CYS B 72 8.39 19.35 -39.04
C CYS B 72 8.63 19.62 -40.54
N LYS B 73 7.78 20.48 -41.12
CA LYS B 73 7.81 20.89 -42.54
C LYS B 73 9.10 21.70 -42.80
N SER B 74 9.56 22.45 -41.78
CA SER B 74 10.72 23.39 -41.82
C SER B 74 12.07 22.67 -41.72
N HIS B 75 12.11 21.41 -41.25
CA HIS B 75 13.37 20.71 -40.93
C HIS B 75 13.41 19.31 -41.54
N LYS B 76 12.32 18.85 -42.17
CA LYS B 76 12.25 17.50 -42.77
C LYS B 76 13.48 17.28 -43.64
N PRO B 77 13.97 16.03 -43.81
CA PRO B 77 14.82 15.68 -44.95
C PRO B 77 13.98 15.50 -46.23
N PRO B 78 14.62 15.32 -47.41
CA PRO B 78 13.87 15.22 -48.67
C PRO B 78 13.05 13.93 -48.77
N ILE B 79 13.62 12.80 -48.32
CA ILE B 79 12.93 11.49 -48.18
C ILE B 79 12.29 11.44 -46.78
N SER B 80 10.97 11.67 -46.70
CA SER B 80 10.22 11.83 -45.43
C SER B 80 8.72 11.92 -45.68
N PHE B 81 7.97 10.85 -45.43
CA PHE B 81 6.48 10.81 -45.54
C PHE B 81 5.89 11.41 -44.28
N PRO B 82 4.67 12.01 -44.35
CA PRO B 82 4.05 12.65 -43.17
C PRO B 82 3.66 11.59 -42.13
N LEU B 83 3.50 11.99 -40.87
CA LEU B 83 3.02 11.09 -39.78
C LEU B 83 1.50 10.99 -39.87
N CYS B 84 0.83 12.12 -40.03
CA CYS B 84 -0.64 12.27 -39.89
C CYS B 84 -1.26 12.61 -41.26
N ALA B 85 -1.52 11.60 -42.09
CA ALA B 85 -2.13 11.75 -43.44
C ALA B 85 -2.81 10.44 -43.84
N ASN B 86 -3.87 10.52 -44.65
CA ASN B 86 -4.59 9.32 -45.19
C ASN B 86 -5.53 8.71 -44.15
N GLY B 87 -6.10 9.51 -43.24
CA GLY B 87 -7.02 9.03 -42.19
C GLY B 87 -6.31 8.26 -41.08
N GLN B 88 -4.96 8.26 -41.08
CA GLN B 88 -4.14 7.50 -40.10
C GLN B 88 -2.97 8.38 -39.63
N VAL B 89 -2.49 8.10 -38.42
CA VAL B 89 -1.20 8.62 -37.86
C VAL B 89 -0.25 7.43 -37.92
N PHE B 90 1.02 7.66 -38.28
CA PHE B 90 2.03 6.59 -38.46
C PHE B 90 2.40 5.98 -37.10
N GLY B 91 2.39 4.65 -37.05
CA GLY B 91 2.77 3.82 -35.89
C GLY B 91 2.55 2.33 -36.18
N LEU B 92 3.18 1.46 -35.38
CA LEU B 92 3.04 -0.03 -35.41
C LEU B 92 1.57 -0.41 -35.64
N TYR B 93 1.35 -1.57 -36.26
CA TYR B 93 0.04 -2.26 -36.42
C TYR B 93 -0.94 -1.40 -37.24
N LYS B 94 -0.39 -0.61 -38.18
CA LYS B 94 -1.11 0.17 -39.24
C LYS B 94 -1.99 -0.78 -40.07
N ASN B 95 -1.65 -2.08 -40.08
CA ASN B 95 -2.40 -3.18 -40.77
C ASN B 95 -3.73 -3.41 -40.05
N THR B 96 -3.68 -3.90 -38.80
CA THR B 96 -4.86 -4.28 -37.97
C THR B 96 -5.29 -3.09 -37.10
N CYS B 97 -5.86 -2.08 -37.75
CA CYS B 97 -6.39 -0.85 -37.12
C CYS B 97 -7.83 -0.68 -37.62
N VAL B 98 -8.82 -0.92 -36.75
CA VAL B 98 -10.25 -1.08 -37.10
C VAL B 98 -10.96 0.28 -37.26
N GLY B 99 -10.84 1.18 -36.27
CA GLY B 99 -11.49 2.52 -36.29
C GLY B 99 -12.93 2.49 -35.81
N SER B 100 -13.47 3.63 -35.39
CA SER B 100 -14.77 3.77 -34.68
C SER B 100 -15.83 4.37 -35.60
N ASP B 101 -17.11 4.16 -35.28
CA ASP B 101 -18.30 4.75 -35.96
C ASP B 101 -18.44 6.21 -35.51
N ASN B 102 -18.38 6.46 -34.20
CA ASN B 102 -18.36 7.80 -33.55
C ASN B 102 -17.15 7.91 -32.60
N VAL B 103 -16.21 8.78 -32.96
CA VAL B 103 -15.06 9.24 -32.12
C VAL B 103 -15.53 10.50 -31.36
N THR B 104 -16.74 10.96 -31.68
CA THR B 104 -17.35 12.22 -31.17
C THR B 104 -17.39 12.25 -29.63
N ASP B 105 -17.91 11.19 -29.00
CA ASP B 105 -18.06 11.07 -27.53
C ASP B 105 -16.68 11.07 -26.87
N PHE B 106 -15.75 10.26 -27.38
CA PHE B 106 -14.36 10.15 -26.85
C PHE B 106 -13.74 11.55 -26.75
N ASN B 107 -13.83 12.34 -27.81
CA ASN B 107 -13.31 13.72 -27.91
C ASN B 107 -13.95 14.62 -26.86
N ALA B 108 -15.27 14.54 -26.67
CA ALA B 108 -16.01 15.32 -25.64
C ALA B 108 -15.46 14.96 -24.25
N ILE B 109 -15.37 13.66 -23.96
CA ILE B 109 -14.83 13.15 -22.67
C ILE B 109 -13.42 13.73 -22.51
N ALA B 110 -12.62 13.67 -23.57
CA ALA B 110 -11.16 13.89 -23.53
C ALA B 110 -10.87 15.38 -23.30
N THR B 111 -11.84 16.23 -23.65
CA THR B 111 -11.65 17.71 -23.74
C THR B 111 -12.50 18.46 -22.74
N CYS B 112 -13.58 17.88 -22.19
CA CYS B 112 -14.49 18.60 -21.25
C CYS B 112 -13.75 18.92 -19.95
N ASP B 113 -14.22 19.93 -19.21
CA ASP B 113 -13.60 20.36 -17.91
C ASP B 113 -14.38 19.81 -16.70
N TRP B 114 -15.48 19.08 -16.93
CA TRP B 114 -16.23 18.35 -15.88
C TRP B 114 -16.96 19.31 -14.94
N THR B 115 -17.24 20.54 -15.36
CA THR B 115 -17.94 21.56 -14.51
C THR B 115 -19.45 21.51 -14.80
N ASN B 116 -19.86 20.93 -15.94
CA ASN B 116 -21.28 20.79 -16.37
C ASN B 116 -21.75 19.34 -16.22
N ALA B 117 -22.95 19.16 -15.66
CA ALA B 117 -23.63 17.87 -15.47
C ALA B 117 -23.64 17.07 -16.78
N GLY B 118 -23.81 17.74 -17.92
CA GLY B 118 -23.87 17.12 -19.25
C GLY B 118 -22.63 16.28 -19.53
N ASP B 119 -21.51 16.59 -18.88
CA ASP B 119 -20.27 15.81 -19.04
C ASP B 119 -20.48 14.44 -18.37
N TYR B 120 -21.17 14.44 -17.23
CA TYR B 120 -21.39 13.26 -16.36
C TYR B 120 -22.44 12.34 -16.98
N ILE B 121 -23.43 12.90 -17.67
CA ILE B 121 -24.47 12.16 -18.42
C ILE B 121 -23.79 11.34 -19.51
N LEU B 122 -22.94 12.00 -20.28
CA LEU B 122 -22.21 11.36 -21.40
C LEU B 122 -21.33 10.23 -20.86
N ALA B 123 -20.63 10.48 -19.76
CA ALA B 123 -19.72 9.51 -19.11
C ALA B 123 -20.54 8.30 -18.66
N ASN B 124 -21.85 8.44 -18.58
CA ASN B 124 -22.72 7.36 -18.06
C ASN B 124 -23.60 6.76 -19.17
N THR B 125 -23.61 7.35 -20.37
CA THR B 125 -24.46 6.90 -21.50
C THR B 125 -23.57 6.41 -22.66
N CYS B 126 -22.26 6.64 -22.61
CA CYS B 126 -21.31 6.24 -23.69
C CYS B 126 -21.15 4.72 -23.67
N THR B 127 -20.33 4.19 -24.55
CA THR B 127 -19.93 2.76 -24.58
C THR B 127 -19.19 2.47 -23.27
N GLU B 128 -19.05 1.19 -22.92
CA GLU B 128 -18.49 0.75 -21.62
C GLU B 128 -17.01 1.11 -21.53
N ARG B 129 -16.28 0.98 -22.64
CA ARG B 129 -14.83 1.33 -22.70
C ARG B 129 -14.65 2.83 -22.48
N LEU B 130 -15.62 3.64 -22.90
CA LEU B 130 -15.58 5.12 -22.72
C LEU B 130 -16.10 5.48 -21.31
N LYS B 131 -16.94 4.65 -20.69
CA LYS B 131 -17.26 4.82 -19.25
C LYS B 131 -15.96 4.73 -18.43
N LEU B 132 -15.16 3.68 -18.68
CA LEU B 132 -13.84 3.54 -18.01
C LEU B 132 -13.00 4.78 -18.31
N PHE B 133 -12.80 5.09 -19.59
CA PHE B 133 -11.93 6.22 -20.00
C PHE B 133 -12.38 7.50 -19.29
N ALA B 134 -13.69 7.81 -19.32
CA ALA B 134 -14.29 9.02 -18.69
C ALA B 134 -14.05 9.01 -17.18
N ALA B 135 -14.18 7.83 -16.54
CA ALA B 135 -14.03 7.63 -15.08
C ALA B 135 -12.61 8.03 -14.68
N GLU B 136 -11.61 7.43 -15.34
CA GLU B 136 -10.17 7.75 -15.18
C GLU B 136 -9.91 9.24 -15.40
N THR B 137 -10.48 9.80 -16.47
CA THR B 137 -10.18 11.17 -16.93
C THR B 137 -10.73 12.15 -15.89
N LEU B 138 -11.96 11.91 -15.42
CA LEU B 138 -12.61 12.71 -14.34
C LEU B 138 -11.81 12.58 -13.04
N LYS B 139 -11.40 11.38 -12.63
CA LYS B 139 -10.70 11.21 -11.33
C LYS B 139 -9.33 11.90 -11.41
N ALA B 140 -8.64 11.78 -12.54
CA ALA B 140 -7.34 12.46 -12.73
C ALA B 140 -7.56 13.97 -12.70
N THR B 141 -8.64 14.50 -13.29
CA THR B 141 -8.94 15.95 -13.36
C THR B 141 -9.23 16.46 -11.93
N GLU B 142 -10.01 15.69 -11.15
CA GLU B 142 -10.40 15.97 -9.75
C GLU B 142 -9.14 16.07 -8.87
N GLU B 143 -8.21 15.11 -8.97
CA GLU B 143 -6.99 15.05 -8.13
C GLU B 143 -6.04 16.19 -8.53
N THR B 144 -5.79 16.35 -9.82
CA THR B 144 -4.94 17.45 -10.36
C THR B 144 -5.49 18.79 -9.85
N PHE B 145 -6.81 18.94 -9.78
CA PHE B 145 -7.47 20.21 -9.39
C PHE B 145 -7.25 20.49 -7.90
N LYS B 146 -6.91 19.48 -7.10
CA LYS B 146 -6.60 19.66 -5.65
C LYS B 146 -5.25 20.38 -5.49
N LEU B 147 -4.27 20.07 -6.35
CA LEU B 147 -2.95 20.77 -6.44
C LEU B 147 -3.18 22.25 -6.73
N SER B 148 -4.19 22.59 -7.53
CA SER B 148 -4.48 24.00 -7.97
C SER B 148 -4.76 24.89 -6.76
N TYR B 149 -5.15 24.31 -5.62
CA TYR B 149 -5.40 25.02 -4.35
C TYR B 149 -4.09 25.39 -3.67
N GLY B 150 -4.09 26.54 -2.98
CA GLY B 150 -2.91 27.08 -2.29
C GLY B 150 -2.63 26.36 -0.98
N ILE B 151 -1.36 26.34 -0.56
CA ILE B 151 -0.90 25.75 0.72
C ILE B 151 -1.38 26.64 1.88
N ALA B 152 -2.00 26.06 2.90
CA ALA B 152 -2.33 26.75 4.16
C ALA B 152 -1.20 26.49 5.17
N THR B 153 -0.79 27.52 5.91
CA THR B 153 0.33 27.45 6.89
C THR B 153 -0.08 28.17 8.17
N VAL B 154 0.32 27.60 9.32
CA VAL B 154 0.06 28.18 10.67
C VAL B 154 0.96 29.40 10.83
N ARG B 155 0.33 30.57 10.99
CA ARG B 155 1.00 31.85 11.31
C ARG B 155 1.10 31.95 12.83
N GLU B 156 -0.02 31.65 13.52
CA GLU B 156 -0.23 31.88 14.98
C GLU B 156 -1.07 30.72 15.51
N VAL B 157 -0.54 29.90 16.40
CA VAL B 157 -1.31 28.79 17.05
C VAL B 157 -2.15 29.42 18.16
N LEU B 158 -3.29 30.03 17.80
CA LEU B 158 -4.10 30.90 18.72
C LEU B 158 -4.40 30.16 20.03
N SER B 159 -4.68 28.86 19.94
CA SER B 159 -5.00 27.98 21.10
C SER B 159 -4.95 26.52 20.65
N ASP B 160 -5.71 25.65 21.32
CA ASP B 160 -6.26 24.41 20.72
C ASP B 160 -7.50 24.79 19.91
N ARG B 161 -7.93 23.93 19.00
CA ARG B 161 -9.15 24.12 18.14
C ARG B 161 -9.22 25.53 17.51
N GLU B 162 -8.10 26.25 17.37
CA GLU B 162 -8.05 27.63 16.77
C GLU B 162 -6.64 27.96 16.26
N LEU B 163 -6.55 28.49 15.03
CA LEU B 163 -5.30 28.82 14.29
C LEU B 163 -5.45 30.13 13.50
N HIS B 164 -4.31 30.81 13.24
CA HIS B 164 -4.15 31.80 12.14
C HIS B 164 -3.39 31.12 11.00
N LEU B 165 -4.06 31.00 9.85
CA LEU B 165 -3.52 30.41 8.61
C LEU B 165 -3.09 31.54 7.67
N SER B 166 -1.85 31.45 7.18
CA SER B 166 -1.31 32.22 6.03
C SER B 166 -1.50 31.36 4.76
N TRP B 167 -1.97 31.96 3.67
CA TRP B 167 -2.32 31.23 2.43
C TRP B 167 -1.38 31.62 1.29
N GLU B 168 -0.94 30.62 0.51
CA GLU B 168 -0.11 30.77 -0.71
C GLU B 168 -0.78 31.79 -1.64
N VAL B 169 -0.03 32.81 -2.09
CA VAL B 169 -0.54 33.86 -3.04
C VAL B 169 -0.46 33.32 -4.47
N GLY B 170 -1.39 33.72 -5.32
CA GLY B 170 -1.40 33.32 -6.75
C GLY B 170 -2.26 32.10 -6.96
N LYS B 171 -2.54 31.34 -5.90
CA LYS B 171 -3.40 30.14 -5.92
C LYS B 171 -4.64 30.38 -5.06
N PRO B 172 -5.81 29.86 -5.44
CA PRO B 172 -7.02 30.03 -4.65
C PRO B 172 -7.05 29.16 -3.38
N ARG B 173 -7.91 29.54 -2.42
CA ARG B 173 -8.09 28.85 -1.11
C ARG B 173 -9.25 27.86 -1.23
N PRO B 174 -9.06 26.58 -0.83
CA PRO B 174 -10.15 25.59 -0.87
C PRO B 174 -11.27 25.86 0.14
N PRO B 175 -12.50 25.36 -0.13
CA PRO B 175 -13.60 25.44 0.81
C PRO B 175 -13.34 24.68 2.13
N LEU B 176 -13.85 25.23 3.24
CA LEU B 176 -13.64 24.72 4.63
C LEU B 176 -14.83 23.83 5.07
N ASN B 177 -15.48 23.14 4.13
CA ASN B 177 -16.52 22.10 4.40
C ASN B 177 -15.86 20.72 4.40
N ARG B 178 -16.44 19.76 5.13
CA ARG B 178 -15.79 18.49 5.55
C ARG B 178 -15.75 17.47 4.39
N ASN B 179 -16.08 17.88 3.16
CA ASN B 179 -15.65 17.19 1.92
C ASN B 179 -14.13 17.37 1.78
N TYR B 180 -13.62 18.50 2.29
CA TYR B 180 -12.19 18.94 2.18
C TYR B 180 -11.45 18.54 3.46
N VAL B 181 -10.74 17.41 3.39
CA VAL B 181 -9.92 16.80 4.48
C VAL B 181 -8.43 17.06 4.19
N PHE B 182 -7.85 18.00 4.94
CA PHE B 182 -6.45 18.47 4.76
C PHE B 182 -5.51 17.44 5.36
N THR B 183 -4.25 17.48 4.95
CA THR B 183 -3.14 16.71 5.54
C THR B 183 -2.03 17.67 5.96
N GLY B 184 -1.66 17.65 7.23
CA GLY B 184 -0.63 18.54 7.81
C GLY B 184 0.77 18.02 7.55
N TYR B 185 1.78 18.80 7.95
CA TYR B 185 3.22 18.56 7.69
C TYR B 185 4.04 19.51 8.58
N ARG B 186 5.12 19.02 9.18
CA ARG B 186 6.20 19.83 9.82
C ARG B 186 7.45 19.72 8.95
N VAL B 187 8.15 20.84 8.73
CA VAL B 187 9.34 20.93 7.84
C VAL B 187 10.55 20.37 8.60
N THR B 188 11.25 19.37 8.01
CA THR B 188 12.50 18.75 8.54
C THR B 188 13.70 19.28 7.75
N LYS B 189 14.92 19.08 8.27
CA LYS B 189 16.19 19.56 7.67
C LYS B 189 16.10 19.47 6.13
N ASN B 190 15.76 18.29 5.60
CA ASN B 190 15.87 17.96 4.15
C ASN B 190 14.49 17.95 3.48
N SER B 191 13.46 17.41 4.13
CA SER B 191 12.10 17.23 3.56
C SER B 191 11.01 17.54 4.61
N LYS B 192 9.92 16.77 4.64
CA LYS B 192 8.74 17.00 5.54
C LYS B 192 8.15 15.66 5.98
N VAL B 193 7.65 15.61 7.23
CA VAL B 193 6.96 14.42 7.83
C VAL B 193 5.46 14.72 7.94
N GLN B 194 4.61 13.74 7.63
CA GLN B 194 3.14 13.82 7.83
C GLN B 194 2.87 14.01 9.33
N ILE B 195 1.82 14.76 9.63
CA ILE B 195 1.38 15.09 11.03
C ILE B 195 -0.11 14.75 11.16
N GLY B 196 -0.59 13.79 10.34
CA GLY B 196 -1.99 13.31 10.31
C GLY B 196 -2.92 14.29 9.62
N GLU B 197 -4.17 13.87 9.36
CA GLU B 197 -5.18 14.62 8.56
C GLU B 197 -5.98 15.56 9.48
N TYR B 198 -6.39 16.73 8.95
CA TYR B 198 -7.15 17.79 9.67
C TYR B 198 -8.30 18.28 8.78
N THR B 199 -9.29 18.95 9.38
CA THR B 199 -10.33 19.76 8.70
C THR B 199 -10.55 21.07 9.48
N PHE B 200 -11.17 22.07 8.84
CA PHE B 200 -11.25 23.45 9.36
C PHE B 200 -12.67 24.01 9.21
N GLU B 201 -12.98 25.06 9.99
CA GLU B 201 -14.13 25.98 9.77
C GLU B 201 -13.81 27.34 10.40
N LYS B 202 -14.61 28.38 10.10
CA LYS B 202 -14.42 29.78 10.57
C LYS B 202 -14.51 29.86 12.09
N GLY B 203 -13.96 30.92 12.69
CA GLY B 203 -14.00 31.21 14.15
C GLY B 203 -14.23 32.69 14.44
N ALA B 208 -8.69 33.54 11.18
CA ALA B 208 -9.24 32.98 12.44
C ALA B 208 -10.05 31.70 12.14
N VAL B 209 -9.40 30.53 12.11
CA VAL B 209 -10.07 29.25 11.74
C VAL B 209 -9.96 28.24 12.88
N VAL B 210 -10.90 27.30 12.91
CA VAL B 210 -11.02 26.21 13.92
C VAL B 210 -10.57 24.91 13.22
N TYR B 211 -9.61 24.21 13.81
CA TYR B 211 -9.09 22.91 13.30
C TYR B 211 -9.73 21.79 14.10
N ARG B 212 -10.35 20.82 13.41
CA ARG B 212 -10.93 19.58 14.00
C ARG B 212 -10.04 18.40 13.60
N GLY B 213 -8.81 18.37 14.14
CA GLY B 213 -7.75 17.42 13.74
C GLY B 213 -8.18 15.97 13.87
N THR B 214 -8.11 15.19 12.77
CA THR B 214 -8.34 13.72 12.71
C THR B 214 -7.07 12.99 13.18
N THR B 215 -6.69 13.23 14.44
CA THR B 215 -5.39 12.88 15.10
C THR B 215 -5.13 13.93 16.19
N THR B 216 -4.09 13.74 17.01
CA THR B 216 -3.81 14.60 18.19
C THR B 216 -2.33 15.03 18.21
N TYR B 217 -2.08 16.34 18.02
CA TYR B 217 -0.74 16.99 18.03
C TYR B 217 -0.84 18.38 18.64
N LYS B 218 0.31 18.98 18.98
CA LYS B 218 0.45 20.41 19.39
C LYS B 218 1.11 21.15 18.24
N LEU B 219 0.37 21.37 17.14
CA LEU B 219 0.94 21.86 15.85
C LEU B 219 1.60 23.23 16.07
N ASN B 220 2.79 23.38 15.49
CA ASN B 220 3.72 24.52 15.69
C ASN B 220 3.61 25.42 14.45
N VAL B 221 3.78 26.74 14.65
CA VAL B 221 3.88 27.79 13.59
C VAL B 221 4.74 27.25 12.45
N GLY B 222 4.27 27.36 11.20
CA GLY B 222 5.00 26.87 10.01
C GLY B 222 4.57 25.47 9.60
N ASP B 223 3.82 24.75 10.44
CA ASP B 223 3.09 23.53 9.99
C ASP B 223 2.13 23.98 8.88
N TYR B 224 2.02 23.17 7.83
CA TYR B 224 1.27 23.52 6.59
C TYR B 224 0.36 22.37 6.22
N PHE B 225 -0.66 22.67 5.40
CA PHE B 225 -1.83 21.80 5.16
C PHE B 225 -2.14 21.79 3.66
N VAL B 226 -2.16 20.59 3.09
CA VAL B 226 -2.52 20.37 1.67
C VAL B 226 -3.55 19.24 1.62
N LEU B 227 -4.54 19.41 0.74
CA LEU B 227 -5.49 18.34 0.34
C LEU B 227 -4.68 17.28 -0.42
N THR B 228 -4.53 16.09 0.15
CA THR B 228 -3.66 15.03 -0.42
C THR B 228 -4.28 14.61 -1.78
N SER B 229 -3.40 14.46 -2.77
CA SER B 229 -3.70 14.23 -4.20
C SER B 229 -3.17 12.83 -4.57
N HIS B 230 -4.08 11.85 -4.67
CA HIS B 230 -3.76 10.42 -4.89
C HIS B 230 -3.69 10.12 -6.39
N THR B 231 -2.58 9.53 -6.83
CA THR B 231 -2.41 8.87 -8.15
C THR B 231 -3.72 8.18 -8.56
N VAL B 232 -4.09 8.26 -9.83
CA VAL B 232 -5.26 7.55 -10.41
C VAL B 232 -4.73 6.43 -11.28
N MET B 233 -5.07 5.18 -11.00
CA MET B 233 -4.61 4.05 -11.81
C MET B 233 -5.42 3.97 -13.10
N PRO B 234 -4.96 3.24 -14.12
CA PRO B 234 -5.78 2.95 -15.30
C PRO B 234 -6.81 1.87 -14.95
N LEU B 235 -7.98 1.93 -15.59
CA LEU B 235 -9.10 0.97 -15.39
C LEU B 235 -9.04 -0.07 -16.50
N SER B 236 -9.46 -1.30 -16.21
CA SER B 236 -9.48 -2.42 -17.15
C SER B 236 -10.88 -3.05 -17.17
N ALA B 237 -11.39 -3.44 -15.99
CA ALA B 237 -12.70 -4.11 -15.79
C ALA B 237 -13.86 -3.16 -16.08
N PRO B 238 -14.99 -3.68 -16.63
CA PRO B 238 -16.17 -2.86 -16.86
C PRO B 238 -16.88 -2.50 -15.56
N THR B 239 -17.77 -1.51 -15.60
CA THR B 239 -18.46 -0.99 -14.40
C THR B 239 -19.49 -2.02 -13.93
N LEU B 240 -20.05 -2.79 -14.88
CA LEU B 240 -20.85 -4.01 -14.63
C LEU B 240 -20.29 -5.18 -15.45
N VAL B 241 -20.32 -6.39 -14.89
CA VAL B 241 -20.01 -7.65 -15.64
C VAL B 241 -21.25 -7.96 -16.47
N PRO B 242 -21.14 -8.79 -17.53
CA PRO B 242 -22.32 -9.14 -18.31
C PRO B 242 -23.36 -9.84 -17.41
N GLN B 243 -24.59 -9.36 -17.42
CA GLN B 243 -25.68 -9.95 -16.62
C GLN B 243 -25.96 -11.37 -17.12
N GLU B 244 -26.40 -12.21 -16.18
CA GLU B 244 -26.82 -13.60 -16.44
C GLU B 244 -27.95 -13.94 -15.47
N HIS B 245 -29.01 -14.58 -15.98
CA HIS B 245 -30.14 -15.12 -15.18
C HIS B 245 -30.07 -16.64 -15.24
N TYR B 246 -30.36 -17.29 -14.12
CA TYR B 246 -30.22 -18.75 -13.93
C TYR B 246 -31.62 -19.27 -13.60
N VAL B 247 -31.85 -20.55 -13.87
CA VAL B 247 -33.15 -21.25 -13.62
C VAL B 247 -33.11 -21.79 -12.18
N ARG B 248 -31.90 -22.03 -11.67
CA ARG B 248 -31.57 -22.59 -10.34
C ARG B 248 -30.68 -21.60 -9.58
N ILE B 249 -30.60 -21.70 -8.25
CA ILE B 249 -29.57 -20.98 -7.45
C ILE B 249 -28.23 -21.60 -7.83
N THR B 250 -27.24 -20.77 -8.19
CA THR B 250 -25.93 -21.17 -8.76
C THR B 250 -24.80 -21.00 -7.73
N GLY B 251 -24.13 -22.11 -7.40
CA GLY B 251 -22.86 -22.13 -6.66
C GLY B 251 -22.98 -21.73 -5.19
N LEU B 252 -24.21 -21.72 -4.68
CA LEU B 252 -24.58 -21.34 -3.29
C LEU B 252 -25.47 -22.46 -2.73
N TYR B 253 -25.31 -22.79 -1.45
CA TYR B 253 -26.04 -23.88 -0.78
C TYR B 253 -26.87 -23.24 0.32
N PRO B 254 -28.18 -23.01 0.06
CA PRO B 254 -29.07 -22.37 1.03
C PRO B 254 -29.24 -23.20 2.30
N THR B 255 -29.42 -22.51 3.42
CA THR B 255 -29.66 -23.12 4.75
C THR B 255 -31.07 -23.75 4.73
N LEU B 256 -31.28 -24.75 5.58
CA LEU B 256 -32.64 -25.33 5.81
C LEU B 256 -33.32 -24.60 6.98
N ASN B 257 -32.52 -24.17 7.97
CA ASN B 257 -32.96 -23.35 9.14
C ASN B 257 -32.37 -21.93 9.06
N ILE B 258 -33.21 -20.90 9.22
CA ILE B 258 -32.82 -19.47 9.39
C ILE B 258 -33.69 -18.84 10.47
N SER B 259 -33.25 -17.77 11.14
CA SER B 259 -34.11 -17.03 12.11
C SER B 259 -35.14 -16.18 11.37
N ASP B 260 -36.32 -16.02 11.98
CA ASP B 260 -37.44 -15.19 11.47
C ASP B 260 -37.06 -13.71 11.48
N GLU B 261 -35.84 -13.36 11.92
CA GLU B 261 -35.24 -12.01 11.76
C GLU B 261 -34.94 -11.75 10.27
N PHE B 262 -34.59 -12.80 9.50
CA PHE B 262 -34.13 -12.72 8.09
C PHE B 262 -35.09 -13.40 7.12
N SER B 263 -36.23 -13.90 7.61
CA SER B 263 -37.18 -14.72 6.80
C SER B 263 -37.86 -13.83 5.74
N SER B 264 -38.07 -12.55 6.03
CA SER B 264 -38.66 -11.57 5.07
C SER B 264 -37.77 -11.41 3.82
N ASN B 265 -36.50 -11.80 3.89
CA ASN B 265 -35.55 -11.63 2.77
C ASN B 265 -35.25 -12.97 2.06
N VAL B 266 -35.88 -14.09 2.43
CA VAL B 266 -35.48 -15.42 1.85
C VAL B 266 -35.73 -15.41 0.32
N ALA B 267 -36.86 -14.88 -0.16
CA ALA B 267 -37.15 -14.73 -1.61
C ALA B 267 -36.04 -13.88 -2.25
N ASN B 268 -35.76 -12.69 -1.71
CA ASN B 268 -34.70 -11.81 -2.28
C ASN B 268 -33.35 -12.54 -2.28
N TYR B 269 -33.06 -13.34 -1.25
CA TYR B 269 -31.76 -14.05 -1.10
C TYR B 269 -31.65 -15.13 -2.17
N GLN B 270 -32.78 -15.68 -2.60
CA GLN B 270 -32.78 -16.74 -3.63
C GLN B 270 -32.52 -16.05 -4.97
N LYS B 271 -33.23 -14.94 -5.20
CA LYS B 271 -33.03 -14.11 -6.39
C LYS B 271 -31.53 -13.83 -6.55
N VAL B 272 -30.82 -13.57 -5.45
CA VAL B 272 -29.36 -13.25 -5.48
C VAL B 272 -28.61 -14.47 -6.05
N GLY B 273 -29.04 -15.69 -5.74
CA GLY B 273 -28.37 -16.92 -6.22
C GLY B 273 -28.72 -17.28 -7.67
N MET B 274 -29.69 -16.58 -8.26
CA MET B 274 -30.26 -16.89 -9.60
C MET B 274 -29.96 -15.79 -10.66
N GLN B 275 -29.13 -14.79 -10.34
CA GLN B 275 -28.55 -13.86 -11.35
C GLN B 275 -27.08 -13.64 -11.02
N LYS B 276 -26.31 -13.16 -12.00
CA LYS B 276 -24.89 -12.80 -11.82
C LYS B 276 -24.79 -11.59 -10.88
N TYR B 277 -25.61 -10.58 -11.11
CA TYR B 277 -25.65 -9.40 -10.24
C TYR B 277 -27.12 -9.06 -10.03
N SER B 278 -27.39 -8.49 -8.86
CA SER B 278 -28.74 -8.05 -8.42
C SER B 278 -28.57 -6.71 -7.71
N THR B 279 -29.55 -5.84 -7.87
CA THR B 279 -29.61 -4.49 -7.31
C THR B 279 -30.68 -4.53 -6.22
N LEU B 280 -30.35 -4.00 -5.04
CA LEU B 280 -31.29 -3.87 -3.89
C LEU B 280 -31.42 -2.38 -3.57
N GLN B 281 -32.59 -1.80 -3.84
CA GLN B 281 -32.90 -0.43 -3.43
C GLN B 281 -33.45 -0.49 -2.00
N GLY B 282 -32.71 0.11 -1.06
CA GLY B 282 -33.06 0.14 0.37
C GLY B 282 -33.29 1.58 0.83
N PRO B 283 -34.57 2.04 0.81
CA PRO B 283 -34.93 3.33 1.38
C PRO B 283 -34.41 3.48 2.80
N PRO B 284 -34.49 4.68 3.39
CA PRO B 284 -34.04 4.89 4.77
C PRO B 284 -34.74 3.93 5.74
N GLY B 285 -33.97 3.22 6.57
CA GLY B 285 -34.47 2.47 7.76
C GLY B 285 -35.24 1.22 7.36
N THR B 286 -34.94 0.68 6.17
CA THR B 286 -35.55 -0.52 5.60
C THR B 286 -34.67 -1.75 5.85
N GLY B 287 -33.40 -1.60 6.21
CA GLY B 287 -32.58 -2.71 6.72
C GLY B 287 -31.54 -3.25 5.73
N LYS B 288 -30.74 -2.37 5.13
CA LYS B 288 -29.80 -2.76 4.06
C LYS B 288 -28.76 -3.71 4.65
N SER B 289 -28.14 -3.36 5.77
CA SER B 289 -27.04 -4.13 6.39
C SER B 289 -27.62 -5.39 7.03
N HIS B 290 -28.87 -5.31 7.47
CA HIS B 290 -29.59 -6.50 7.98
C HIS B 290 -29.69 -7.49 6.82
N PHE B 291 -30.17 -7.02 5.66
CA PHE B 291 -30.18 -7.79 4.40
C PHE B 291 -28.79 -8.39 4.14
N ALA B 292 -27.76 -7.54 4.10
CA ALA B 292 -26.41 -7.92 3.66
C ALA B 292 -25.85 -9.03 4.55
N ILE B 293 -25.99 -8.91 5.88
CA ILE B 293 -25.46 -9.91 6.87
C ILE B 293 -26.31 -11.18 6.75
N GLY B 294 -27.64 -11.03 6.62
CA GLY B 294 -28.58 -12.17 6.57
C GLY B 294 -28.34 -13.06 5.36
N LEU B 295 -27.84 -12.49 4.28
CA LEU B 295 -27.40 -13.23 3.07
C LEU B 295 -26.39 -14.32 3.49
N ALA B 296 -25.53 -14.01 4.47
CA ALA B 296 -24.44 -14.90 4.95
C ALA B 296 -25.01 -16.09 5.72
N LEU B 297 -26.05 -15.81 6.50
CA LEU B 297 -26.74 -16.85 7.29
C LEU B 297 -27.52 -17.75 6.34
N TYR B 298 -28.09 -17.14 5.29
CA TYR B 298 -28.90 -17.89 4.28
C TYR B 298 -27.97 -18.74 3.42
N TYR B 299 -26.76 -18.27 3.11
CA TYR B 299 -25.73 -19.01 2.32
C TYR B 299 -24.53 -19.27 3.23
N PRO B 300 -24.68 -20.16 4.23
CA PRO B 300 -23.74 -20.24 5.35
C PRO B 300 -22.30 -20.68 5.01
N SER B 301 -22.11 -21.41 3.92
CA SER B 301 -20.77 -21.89 3.48
C SER B 301 -20.16 -20.89 2.48
N ALA B 302 -20.93 -19.88 2.05
CA ALA B 302 -20.52 -18.89 1.02
C ALA B 302 -19.44 -17.95 1.56
N ARG B 303 -18.33 -17.82 0.84
CA ARG B 303 -17.32 -16.77 1.06
C ARG B 303 -17.91 -15.46 0.54
N ILE B 304 -18.07 -14.46 1.41
CA ILE B 304 -18.70 -13.14 1.09
C ILE B 304 -17.73 -12.01 1.42
N VAL B 305 -17.26 -11.29 0.41
CA VAL B 305 -16.52 -10.00 0.56
C VAL B 305 -17.58 -8.90 0.60
N TYR B 306 -17.62 -8.14 1.70
CA TYR B 306 -18.49 -6.96 1.91
C TYR B 306 -17.64 -5.73 1.63
N THR B 307 -18.11 -4.83 0.79
CA THR B 307 -17.33 -3.65 0.34
C THR B 307 -18.26 -2.46 0.22
N ALA B 308 -17.69 -1.27 0.33
CA ALA B 308 -18.36 0.04 0.21
C ALA B 308 -17.27 1.08 -0.03
N CYS B 309 -17.65 2.31 -0.32
CA CYS B 309 -16.66 3.35 -0.67
C CYS B 309 -16.02 3.84 0.63
N SER B 310 -16.85 4.16 1.63
CA SER B 310 -16.41 4.77 2.90
C SER B 310 -16.06 3.69 3.93
N HIS B 311 -15.02 3.97 4.72
CA HIS B 311 -14.70 3.27 5.99
C HIS B 311 -15.97 3.20 6.87
N ALA B 312 -16.76 4.28 6.98
CA ALA B 312 -17.99 4.31 7.81
C ALA B 312 -18.94 3.19 7.34
N ALA B 313 -19.38 3.25 6.08
CA ALA B 313 -20.33 2.26 5.52
C ALA B 313 -19.78 0.86 5.78
N VAL B 314 -18.47 0.65 5.55
CA VAL B 314 -17.86 -0.69 5.77
C VAL B 314 -18.04 -1.06 7.24
N ASP B 315 -17.73 -0.12 8.14
CA ASP B 315 -17.72 -0.35 9.61
C ASP B 315 -19.13 -0.74 10.10
N ALA B 316 -20.18 -0.08 9.59
CA ALA B 316 -21.58 -0.42 9.88
C ALA B 316 -21.87 -1.88 9.46
N LEU B 317 -21.35 -2.35 8.32
CA LEU B 317 -21.48 -3.80 7.96
C LEU B 317 -20.70 -4.66 8.97
N CYS B 318 -19.57 -4.16 9.47
CA CYS B 318 -18.75 -4.86 10.51
C CYS B 318 -19.55 -4.93 11.82
N GLU B 319 -20.16 -3.83 12.25
CA GLU B 319 -20.95 -3.82 13.50
C GLU B 319 -22.03 -4.90 13.36
N LYS B 320 -22.83 -4.82 12.29
CA LYS B 320 -23.97 -5.73 12.05
C LYS B 320 -23.43 -7.17 12.01
N ALA B 321 -22.31 -7.44 11.34
CA ALA B 321 -21.70 -8.79 11.29
C ALA B 321 -21.40 -9.29 12.71
N LEU B 322 -20.82 -8.42 13.53
CA LEU B 322 -20.43 -8.71 14.93
C LEU B 322 -21.61 -9.31 15.69
N LYS B 323 -22.85 -8.93 15.36
CA LYS B 323 -24.09 -9.36 16.05
C LYS B 323 -24.60 -10.74 15.55
N TYR B 324 -24.27 -11.16 14.32
CA TYR B 324 -24.89 -12.34 13.67
C TYR B 324 -23.85 -13.38 13.25
N LEU B 325 -22.62 -12.98 12.94
CA LEU B 325 -21.63 -13.85 12.24
C LEU B 325 -20.50 -14.24 13.20
N PRO B 326 -19.98 -15.48 13.11
CA PRO B 326 -18.84 -15.89 13.92
C PRO B 326 -17.64 -14.95 13.67
N ILE B 327 -17.04 -14.41 14.74
CA ILE B 327 -16.02 -13.31 14.68
C ILE B 327 -14.71 -13.87 14.11
N ASP B 328 -14.39 -15.12 14.39
CA ASP B 328 -13.15 -15.81 13.91
C ASP B 328 -13.19 -15.96 12.39
N LYS B 329 -14.38 -15.85 11.76
CA LYS B 329 -14.60 -16.01 10.30
C LYS B 329 -14.74 -14.64 9.62
N CYS B 330 -14.50 -13.55 10.35
CA CYS B 330 -14.49 -12.15 9.83
C CYS B 330 -13.08 -11.58 9.84
N SER B 331 -12.75 -10.77 8.83
CA SER B 331 -11.51 -9.97 8.72
C SER B 331 -11.87 -8.57 8.20
N ARG B 332 -11.30 -7.53 8.81
CA ARG B 332 -11.32 -6.13 8.31
C ARG B 332 -10.00 -5.88 7.59
N ILE B 333 -10.05 -5.64 6.27
CA ILE B 333 -8.88 -5.22 5.45
C ILE B 333 -8.71 -3.72 5.65
N ILE B 334 -7.56 -3.32 6.22
CA ILE B 334 -7.16 -1.92 6.50
C ILE B 334 -5.92 -1.63 5.67
N PRO B 335 -5.95 -0.60 4.80
CA PRO B 335 -4.79 -0.21 4.00
C PRO B 335 -3.77 0.56 4.84
N ALA B 336 -2.59 -0.03 5.09
CA ALA B 336 -1.44 0.62 5.76
C ALA B 336 -0.80 1.62 4.79
N VAL B 340 -6.39 7.41 10.00
CA VAL B 340 -7.81 7.00 9.80
C VAL B 340 -8.04 5.68 10.54
N GLU B 341 -8.87 5.68 11.58
CA GLU B 341 -9.15 4.50 12.44
C GLU B 341 -10.60 4.03 12.21
N CYS B 342 -10.79 2.76 11.87
CA CYS B 342 -12.09 2.23 11.38
C CYS B 342 -12.76 1.33 12.42
N PHE B 343 -12.52 0.01 12.37
CA PHE B 343 -13.25 -1.02 13.16
C PHE B 343 -12.25 -2.12 13.56
N ASP B 344 -12.06 -2.36 14.86
CA ASP B 344 -10.89 -3.12 15.37
C ASP B 344 -11.29 -4.43 16.08
N LYS B 345 -12.48 -4.97 15.83
CA LYS B 345 -12.91 -6.24 16.50
C LYS B 345 -12.53 -7.49 15.68
N PHE B 346 -12.12 -7.36 14.41
CA PHE B 346 -11.83 -8.54 13.54
C PHE B 346 -10.32 -8.68 13.34
N LYS B 347 -9.82 -9.90 13.08
CA LYS B 347 -8.39 -10.13 12.74
C LYS B 347 -8.07 -9.41 11.42
N VAL B 348 -7.12 -8.49 11.44
CA VAL B 348 -6.93 -7.47 10.36
C VAL B 348 -6.21 -8.12 9.18
N ASN B 349 -6.60 -7.74 7.95
CA ASN B 349 -5.88 -8.07 6.68
C ASN B 349 -5.70 -9.58 6.55
N SER B 350 -6.72 -10.37 6.88
CA SER B 350 -6.75 -11.82 6.61
C SER B 350 -7.66 -12.03 5.40
N THR B 351 -7.06 -12.06 4.21
CA THR B 351 -7.72 -12.09 2.89
C THR B 351 -8.51 -13.40 2.72
N LEU B 352 -8.14 -14.47 3.40
CA LEU B 352 -8.71 -15.82 3.16
C LEU B 352 -9.80 -16.16 4.20
N GLU B 353 -10.02 -15.30 5.20
CA GLU B 353 -11.22 -15.33 6.07
C GLU B 353 -12.48 -15.41 5.19
N GLN B 354 -13.45 -16.25 5.58
CA GLN B 354 -14.75 -16.43 4.89
C GLN B 354 -15.46 -15.09 4.65
N TYR B 355 -15.48 -14.22 5.66
CA TYR B 355 -16.17 -12.90 5.58
C TYR B 355 -15.13 -11.78 5.60
N VAL B 356 -15.00 -11.05 4.49
CA VAL B 356 -13.97 -9.99 4.32
C VAL B 356 -14.69 -8.64 4.15
N PHE B 357 -14.46 -7.74 5.10
CA PHE B 357 -14.98 -6.35 5.13
C PHE B 357 -13.82 -5.45 4.76
N CYS B 358 -14.02 -4.51 3.84
CA CYS B 358 -12.94 -3.79 3.13
C CYS B 358 -13.53 -2.69 2.23
N THR B 359 -12.95 -1.49 2.27
CA THR B 359 -13.33 -0.39 1.35
C THR B 359 -12.85 -0.75 -0.05
N VAL B 360 -13.47 -0.18 -1.08
CA VAL B 360 -13.11 -0.40 -2.52
C VAL B 360 -11.60 -0.20 -2.73
N ASN B 361 -11.05 0.93 -2.29
CA ASN B 361 -9.66 1.33 -2.60
C ASN B 361 -8.68 0.29 -2.03
N ALA B 362 -9.03 -0.43 -0.96
CA ALA B 362 -8.13 -1.37 -0.25
C ALA B 362 -8.32 -2.84 -0.71
N LEU B 363 -9.28 -3.12 -1.58
CA LEU B 363 -9.62 -4.52 -1.94
C LEU B 363 -8.37 -5.25 -2.42
N PRO B 364 -8.10 -6.46 -1.93
CA PRO B 364 -7.12 -7.34 -2.56
C PRO B 364 -7.67 -8.01 -3.84
N GLU B 365 -6.78 -8.45 -4.71
CA GLU B 365 -7.16 -9.39 -5.80
C GLU B 365 -7.60 -10.66 -5.09
N THR B 366 -8.84 -11.09 -5.28
CA THR B 366 -9.42 -12.31 -4.67
C THR B 366 -10.70 -12.73 -5.40
N THR B 367 -11.15 -13.94 -5.12
CA THR B 367 -12.44 -14.50 -5.57
C THR B 367 -13.38 -14.57 -4.38
N ALA B 368 -14.68 -14.67 -4.63
CA ALA B 368 -15.72 -14.74 -3.59
C ALA B 368 -16.96 -15.43 -4.18
N ASP B 369 -17.74 -16.11 -3.36
CA ASP B 369 -19.06 -16.67 -3.75
C ASP B 369 -20.04 -15.52 -3.94
N ILE B 370 -20.03 -14.54 -3.04
CA ILE B 370 -20.86 -13.30 -3.20
C ILE B 370 -19.99 -12.09 -2.86
N VAL B 371 -20.11 -11.02 -3.66
CA VAL B 371 -19.61 -9.68 -3.30
C VAL B 371 -20.83 -8.82 -3.00
N VAL B 372 -20.85 -8.17 -1.83
CA VAL B 372 -21.90 -7.19 -1.43
C VAL B 372 -21.22 -5.84 -1.45
N PHE B 373 -21.73 -4.94 -2.28
CA PHE B 373 -21.26 -3.56 -2.45
C PHE B 373 -22.37 -2.69 -1.88
N ASP B 374 -22.12 -2.06 -0.73
CA ASP B 374 -23.14 -1.26 -0.01
C ASP B 374 -22.97 0.22 -0.36
N GLU B 375 -24.01 1.00 -0.06
CA GLU B 375 -24.02 2.47 -0.23
C GLU B 375 -23.65 2.75 -1.70
N ILE B 376 -24.43 2.21 -2.63
CA ILE B 376 -24.13 2.20 -4.09
C ILE B 376 -24.31 3.60 -4.69
N SER B 377 -25.17 4.46 -4.12
CA SER B 377 -25.42 5.84 -4.60
C SER B 377 -24.14 6.70 -4.46
N MET B 378 -23.24 6.35 -3.52
CA MET B 378 -21.96 7.08 -3.29
C MET B 378 -20.85 6.55 -4.21
N ALA B 379 -21.07 5.44 -4.90
CA ALA B 379 -20.06 4.83 -5.80
C ALA B 379 -19.95 5.69 -7.05
N THR B 380 -18.75 5.74 -7.63
CA THR B 380 -18.47 6.28 -8.98
C THR B 380 -18.23 5.10 -9.91
N ASN B 381 -18.25 5.36 -11.22
CA ASN B 381 -18.01 4.29 -12.22
C ASN B 381 -16.60 3.77 -12.00
N TYR B 382 -15.71 4.62 -11.51
CA TYR B 382 -14.33 4.25 -11.14
C TYR B 382 -14.38 3.11 -10.12
N ASP B 383 -15.12 3.32 -9.02
CA ASP B 383 -15.28 2.30 -7.94
C ASP B 383 -15.87 1.01 -8.54
N LEU B 384 -16.97 1.12 -9.29
CA LEU B 384 -17.62 -0.06 -9.92
C LEU B 384 -16.55 -0.87 -10.65
N SER B 385 -15.67 -0.22 -11.40
CA SER B 385 -14.66 -0.89 -12.27
C SER B 385 -13.62 -1.60 -11.40
N VAL B 386 -13.11 -0.89 -10.39
CA VAL B 386 -12.08 -1.41 -9.44
C VAL B 386 -12.62 -2.71 -8.81
N VAL B 387 -13.84 -2.67 -8.28
CA VAL B 387 -14.43 -3.87 -7.63
C VAL B 387 -14.36 -5.01 -8.64
N ASN B 388 -14.73 -4.76 -9.90
CA ASN B 388 -14.83 -5.83 -10.93
C ASN B 388 -13.43 -6.35 -11.26
N ALA B 389 -12.41 -5.47 -11.20
CA ALA B 389 -10.99 -5.81 -11.47
C ALA B 389 -10.39 -6.61 -10.32
N ARG B 390 -10.62 -6.21 -9.05
CA ARG B 390 -10.01 -6.87 -7.86
C ARG B 390 -10.76 -8.17 -7.51
N LEU B 391 -12.10 -8.22 -7.63
CA LEU B 391 -12.96 -9.33 -7.11
C LEU B 391 -13.62 -10.10 -8.26
N ARG B 392 -13.34 -11.40 -8.37
CA ARG B 392 -14.07 -12.28 -9.32
C ARG B 392 -15.03 -13.14 -8.50
N ALA B 393 -16.34 -12.89 -8.63
CA ALA B 393 -17.38 -13.53 -7.79
C ALA B 393 -18.42 -14.25 -8.65
N LYS B 394 -19.02 -15.32 -8.10
CA LYS B 394 -20.19 -15.98 -8.73
C LYS B 394 -21.34 -15.00 -8.77
N HIS B 395 -21.58 -14.25 -7.71
CA HIS B 395 -22.72 -13.30 -7.63
C HIS B 395 -22.25 -11.97 -7.08
N TYR B 396 -22.89 -10.90 -7.50
CA TYR B 396 -22.59 -9.54 -7.02
C TYR B 396 -23.93 -8.92 -6.62
N VAL B 397 -23.98 -8.34 -5.42
CA VAL B 397 -25.19 -7.66 -4.88
C VAL B 397 -24.79 -6.22 -4.62
N TYR B 398 -25.57 -5.28 -5.16
CA TYR B 398 -25.31 -3.84 -5.10
C TYR B 398 -26.44 -3.24 -4.27
N ILE B 399 -26.11 -2.75 -3.07
CA ILE B 399 -27.11 -2.25 -2.10
C ILE B 399 -26.92 -0.75 -1.96
N GLY B 400 -28.02 -0.02 -2.00
CA GLY B 400 -28.01 1.45 -1.98
C GLY B 400 -29.41 1.98 -2.18
N ASP B 401 -29.50 3.25 -2.53
CA ASP B 401 -30.79 3.93 -2.77
C ASP B 401 -30.50 5.10 -3.72
N PRO B 402 -30.84 5.01 -5.01
CA PRO B 402 -30.61 6.13 -5.91
C PRO B 402 -31.47 7.34 -5.54
N ALA B 403 -32.32 7.25 -4.52
CA ALA B 403 -33.07 8.41 -4.00
C ALA B 403 -32.25 9.15 -2.94
N GLN B 404 -31.07 8.64 -2.61
CA GLN B 404 -30.19 9.26 -1.57
C GLN B 404 -29.03 9.97 -2.27
N LEU B 405 -28.01 10.36 -1.52
CA LEU B 405 -26.99 11.33 -2.00
C LEU B 405 -25.87 10.58 -2.70
N PRO B 406 -25.38 11.15 -3.82
CA PRO B 406 -24.20 10.64 -4.49
C PRO B 406 -22.89 11.18 -3.91
N ALA B 407 -21.77 10.54 -4.24
CA ALA B 407 -20.41 11.08 -4.01
C ALA B 407 -20.42 12.54 -4.44
N PRO B 408 -19.76 13.43 -3.68
CA PRO B 408 -19.64 14.82 -4.11
C PRO B 408 -18.83 14.81 -5.42
N ARG B 409 -19.24 15.64 -6.38
CA ARG B 409 -18.46 15.89 -7.63
C ARG B 409 -17.84 17.27 -7.48
N THR B 410 -16.62 17.33 -6.94
CA THR B 410 -15.90 18.57 -6.54
C THR B 410 -15.86 19.55 -7.72
N LEU B 411 -15.84 19.03 -8.96
CA LEU B 411 -15.68 19.84 -10.19
C LEU B 411 -17.04 20.30 -10.73
N LEU B 412 -18.13 19.54 -10.51
CA LEU B 412 -19.45 19.83 -11.12
C LEU B 412 -20.06 21.03 -10.40
N THR B 413 -20.29 22.14 -11.12
CA THR B 413 -20.81 23.41 -10.55
C THR B 413 -22.01 23.93 -11.36
N LYS B 414 -22.34 23.33 -12.50
CA LYS B 414 -23.39 23.83 -13.42
C LYS B 414 -24.26 22.64 -13.88
N GLY B 415 -25.57 22.73 -13.63
CA GLY B 415 -26.54 21.65 -13.88
C GLY B 415 -26.65 20.76 -12.68
N THR B 416 -27.75 20.00 -12.57
CA THR B 416 -27.98 18.99 -11.49
C THR B 416 -27.67 17.59 -12.04
N LEU B 417 -27.13 16.72 -11.21
CA LEU B 417 -26.77 15.33 -11.59
C LEU B 417 -27.91 14.41 -11.17
N GLU B 418 -28.80 14.03 -12.09
CA GLU B 418 -29.96 13.14 -11.80
C GLU B 418 -29.46 11.75 -11.42
N PRO B 419 -30.17 11.03 -10.52
CA PRO B 419 -29.71 9.73 -9.99
C PRO B 419 -29.39 8.65 -11.05
N GLU B 420 -30.08 8.70 -12.18
CA GLU B 420 -29.79 7.77 -13.31
C GLU B 420 -28.36 7.97 -13.84
N TYR B 421 -27.66 9.03 -13.41
CA TYR B 421 -26.31 9.35 -13.90
C TYR B 421 -25.25 9.27 -12.79
N PHE B 422 -25.61 8.82 -11.58
CA PHE B 422 -24.65 8.68 -10.47
C PHE B 422 -23.63 7.62 -10.83
N ASN B 423 -24.06 6.45 -11.31
CA ASN B 423 -23.15 5.38 -11.76
C ASN B 423 -23.96 4.37 -12.58
N SER B 424 -23.29 3.35 -13.13
CA SER B 424 -23.91 2.27 -13.97
C SER B 424 -25.01 1.57 -13.16
N VAL B 425 -24.75 1.27 -11.88
CA VAL B 425 -25.76 0.54 -11.06
C VAL B 425 -26.99 1.42 -10.87
N CYS B 426 -26.83 2.70 -10.51
CA CYS B 426 -28.01 3.57 -10.26
C CYS B 426 -28.72 3.78 -11.59
N ARG B 427 -27.97 3.85 -12.68
CA ARG B 427 -28.55 3.96 -14.03
C ARG B 427 -29.56 2.81 -14.23
N LEU B 428 -29.15 1.56 -14.04
CA LEU B 428 -30.09 0.40 -14.11
C LEU B 428 -31.32 0.67 -13.23
N MET B 429 -31.11 1.01 -11.96
CA MET B 429 -32.21 1.06 -10.95
C MET B 429 -33.23 2.12 -11.36
N LYS B 430 -32.79 3.21 -11.98
CA LYS B 430 -33.69 4.30 -12.41
C LYS B 430 -34.32 4.02 -13.78
N THR B 431 -33.68 3.22 -14.65
CA THR B 431 -34.17 2.96 -16.03
C THR B 431 -35.01 1.67 -16.03
N ILE B 432 -34.44 0.51 -15.75
CA ILE B 432 -35.17 -0.80 -15.79
C ILE B 432 -35.61 -1.25 -14.39
N GLY B 433 -35.46 -0.39 -13.35
CA GLY B 433 -35.88 -0.66 -11.97
C GLY B 433 -34.88 -1.55 -11.20
N PRO B 434 -34.94 -1.58 -9.86
CA PRO B 434 -34.11 -2.49 -9.09
C PRO B 434 -34.66 -3.93 -9.05
N ASP B 435 -33.77 -4.92 -9.02
CA ASP B 435 -34.14 -6.35 -8.85
C ASP B 435 -34.98 -6.51 -7.58
N MET B 436 -34.60 -5.81 -6.50
CA MET B 436 -35.19 -6.02 -5.16
C MET B 436 -35.35 -4.68 -4.46
N PHE B 437 -36.39 -4.59 -3.64
CA PHE B 437 -36.84 -3.35 -2.96
C PHE B 437 -37.22 -3.68 -1.51
N LEU B 438 -36.62 -2.97 -0.55
CA LEU B 438 -37.02 -3.07 0.88
C LEU B 438 -38.12 -2.04 1.10
N GLY B 439 -39.38 -2.50 1.25
CA GLY B 439 -40.59 -1.64 1.14
C GLY B 439 -41.09 -1.18 2.49
N THR B 440 -40.48 -1.63 3.57
CA THR B 440 -40.96 -1.22 4.91
C THR B 440 -39.85 -0.50 5.66
N CYS B 441 -40.11 0.78 5.86
CA CYS B 441 -39.33 1.71 6.70
C CYS B 441 -39.72 1.48 8.15
N ARG B 442 -38.77 1.06 8.99
CA ARG B 442 -38.95 0.77 10.44
C ARG B 442 -38.48 1.97 11.28
N ARG B 443 -37.84 2.96 10.66
CA ARG B 443 -37.23 4.08 11.38
C ARG B 443 -38.27 5.17 11.66
N CYS B 444 -38.97 5.65 10.62
CA CYS B 444 -39.54 7.02 10.64
C CYS B 444 -41.03 7.00 10.99
N PRO B 445 -41.52 8.13 11.57
CA PRO B 445 -42.96 8.37 11.72
C PRO B 445 -43.66 8.29 10.35
N ALA B 446 -44.94 7.94 10.31
CA ALA B 446 -45.68 7.70 9.06
C ALA B 446 -45.72 9.01 8.23
N GLU B 447 -45.80 10.17 8.89
CA GLU B 447 -45.87 11.47 8.18
C GLU B 447 -44.67 11.64 7.24
N ILE B 448 -43.49 11.17 7.67
CA ILE B 448 -42.19 11.26 6.94
C ILE B 448 -42.14 10.19 5.85
N VAL B 449 -42.51 8.94 6.17
CA VAL B 449 -42.56 7.82 5.18
C VAL B 449 -43.53 8.21 4.05
N ASP B 450 -44.74 8.62 4.44
CA ASP B 450 -45.79 9.01 3.47
C ASP B 450 -45.21 10.10 2.55
N THR B 451 -44.41 11.01 3.10
CA THR B 451 -43.91 12.19 2.36
C THR B 451 -42.91 11.70 1.30
N VAL B 452 -41.93 10.90 1.70
CA VAL B 452 -40.82 10.50 0.79
C VAL B 452 -41.30 9.35 -0.10
N SER B 453 -42.25 8.55 0.37
CA SER B 453 -42.85 7.47 -0.46
C SER B 453 -43.33 8.08 -1.77
N ALA B 454 -44.08 9.19 -1.69
CA ALA B 454 -44.62 9.92 -2.86
C ALA B 454 -43.50 10.69 -3.54
N LEU B 455 -42.61 11.31 -2.76
CA LEU B 455 -41.62 12.26 -3.33
C LEU B 455 -40.68 11.51 -4.28
N VAL B 456 -40.23 10.30 -3.92
CA VAL B 456 -39.09 9.63 -4.63
C VAL B 456 -39.25 8.11 -4.79
N TYR B 457 -40.33 7.46 -4.29
CA TYR B 457 -40.44 5.99 -4.27
C TYR B 457 -41.76 5.50 -4.90
N ASP B 458 -42.37 6.24 -5.84
CA ASP B 458 -43.68 5.92 -6.46
C ASP B 458 -44.63 5.23 -5.46
N ASN B 459 -44.76 5.77 -4.25
CA ASN B 459 -45.73 5.30 -3.22
C ASN B 459 -45.59 3.80 -2.95
N LYS B 460 -44.38 3.25 -3.07
CA LYS B 460 -44.09 1.82 -2.76
C LYS B 460 -43.38 1.70 -1.42
N LEU B 461 -43.11 2.80 -0.71
CA LEU B 461 -42.47 2.72 0.64
C LEU B 461 -43.55 2.81 1.71
N LYS B 462 -43.61 1.79 2.59
CA LYS B 462 -44.66 1.65 3.63
C LYS B 462 -44.07 1.97 5.03
N ALA B 463 -44.83 2.70 5.83
CA ALA B 463 -44.54 3.00 7.24
C ALA B 463 -44.89 1.78 8.09
N HIS B 464 -43.93 1.30 8.88
CA HIS B 464 -44.12 0.39 10.02
C HIS B 464 -44.67 1.17 11.22
N LYS B 465 -44.02 2.27 11.60
CA LYS B 465 -44.46 3.10 12.74
C LYS B 465 -45.74 3.82 12.38
N ASP B 466 -46.56 4.15 13.37
CA ASP B 466 -47.75 5.02 13.16
C ASP B 466 -47.26 6.46 12.95
N LYS B 467 -48.19 7.39 12.69
CA LYS B 467 -47.95 8.84 12.84
C LYS B 467 -47.39 9.10 14.25
N SER B 468 -46.43 10.01 14.37
CA SER B 468 -45.87 10.47 15.66
C SER B 468 -46.70 11.66 16.18
N ALA B 469 -47.39 12.35 15.29
CA ALA B 469 -47.98 13.69 15.56
C ALA B 469 -46.88 14.70 15.94
N GLN B 470 -45.63 14.36 15.72
CA GLN B 470 -44.47 15.19 16.15
C GLN B 470 -43.68 15.67 14.93
N CYS B 471 -44.33 15.73 13.76
CA CYS B 471 -43.72 16.11 12.47
C CYS B 471 -44.33 17.44 12.04
N PHE B 472 -43.53 18.50 12.08
CA PHE B 472 -43.98 19.90 11.90
C PHE B 472 -43.20 20.54 10.77
N LYS B 473 -43.77 21.63 10.24
CA LYS B 473 -43.23 22.41 9.11
C LYS B 473 -43.69 23.86 9.29
N MET B 474 -42.80 24.79 8.95
N MET B 474 -42.80 24.79 8.93
CA MET B 474 -43.09 26.25 8.90
CA MET B 474 -43.01 26.25 8.92
C MET B 474 -42.53 26.79 7.58
C MET B 474 -42.53 26.78 7.58
N PHE B 475 -43.25 27.74 6.98
CA PHE B 475 -42.81 28.46 5.77
C PHE B 475 -42.26 29.80 6.23
N TYR B 476 -40.95 29.94 6.12
CA TYR B 476 -40.18 31.11 6.59
C TYR B 476 -38.95 31.25 5.73
N LYS B 477 -38.89 32.36 4.95
CA LYS B 477 -37.79 32.60 3.98
C LYS B 477 -36.65 33.28 4.72
N GLY B 478 -36.97 34.14 5.69
CA GLY B 478 -35.97 34.77 6.56
C GLY B 478 -35.05 35.67 5.76
N VAL B 479 -33.73 35.49 5.93
CA VAL B 479 -32.69 36.38 5.35
C VAL B 479 -31.48 35.53 5.03
N ILE B 480 -31.07 35.47 3.76
CA ILE B 480 -29.89 34.65 3.35
C ILE B 480 -28.67 35.58 3.30
N THR B 481 -27.60 35.15 3.95
CA THR B 481 -26.28 35.80 3.93
C THR B 481 -25.31 34.73 3.42
N HIS B 482 -24.29 35.18 2.70
CA HIS B 482 -23.33 34.30 2.01
C HIS B 482 -21.96 34.60 2.60
N ASP B 483 -21.22 33.59 3.02
CA ASP B 483 -19.76 33.73 3.21
C ASP B 483 -19.09 33.07 1.99
N VAL B 484 -17.78 32.84 2.04
CA VAL B 484 -16.95 32.55 0.83
C VAL B 484 -17.40 31.25 0.15
N SER B 485 -17.96 30.27 0.87
CA SER B 485 -18.32 28.95 0.28
C SER B 485 -19.59 28.34 0.91
N SER B 486 -20.54 29.15 1.40
CA SER B 486 -21.70 28.63 2.16
C SER B 486 -22.73 29.74 2.41
N ALA B 487 -23.90 29.36 2.92
CA ALA B 487 -25.07 30.22 3.18
C ALA B 487 -25.47 30.13 4.66
N ILE B 488 -26.07 31.21 5.15
CA ILE B 488 -26.56 31.37 6.54
C ILE B 488 -27.95 31.98 6.46
N ASN B 489 -28.86 31.50 7.29
CA ASN B 489 -30.21 32.09 7.45
C ASN B 489 -30.48 32.24 8.94
N ARG B 490 -29.99 33.34 9.53
CA ARG B 490 -30.05 33.57 11.00
C ARG B 490 -31.51 33.55 11.42
N PRO B 491 -32.41 34.29 10.74
CA PRO B 491 -33.82 34.27 11.14
C PRO B 491 -34.44 32.87 11.19
N GLN B 492 -34.05 31.96 10.30
CA GLN B 492 -34.51 30.55 10.41
C GLN B 492 -34.00 29.91 11.70
N ILE B 493 -32.80 30.31 12.14
CA ILE B 493 -32.23 29.91 13.47
C ILE B 493 -32.96 30.66 14.57
N GLY B 494 -33.27 31.93 14.38
CA GLY B 494 -34.19 32.66 15.26
C GLY B 494 -35.45 31.86 15.56
N VAL B 495 -36.15 31.39 14.54
CA VAL B 495 -37.47 30.72 14.65
C VAL B 495 -37.30 29.45 15.49
N VAL B 496 -36.19 28.73 15.26
CA VAL B 496 -35.83 27.46 15.97
C VAL B 496 -35.59 27.81 17.43
N ARG B 497 -34.80 28.86 17.72
CA ARG B 497 -34.55 29.35 19.11
C ARG B 497 -35.90 29.55 19.81
N GLU B 498 -36.80 30.31 19.19
CA GLU B 498 -38.14 30.62 19.74
C GLU B 498 -38.91 29.31 19.92
N PHE B 499 -38.83 28.38 18.98
CA PHE B 499 -39.54 27.08 19.06
C PHE B 499 -39.02 26.28 20.27
N LEU B 500 -37.71 26.25 20.48
CA LEU B 500 -37.05 25.49 21.56
C LEU B 500 -37.46 26.07 22.92
N THR B 501 -37.56 27.40 23.07
CA THR B 501 -37.98 28.03 24.36
C THR B 501 -39.43 27.64 24.65
N ARG B 502 -40.25 27.39 23.64
CA ARG B 502 -41.66 26.96 23.81
C ARG B 502 -41.77 25.41 23.85
N ASN B 503 -40.78 24.67 23.37
CA ASN B 503 -40.79 23.19 23.26
C ASN B 503 -39.45 22.66 23.71
N PRO B 504 -39.04 22.94 24.97
CA PRO B 504 -37.69 22.63 25.44
C PRO B 504 -37.35 21.14 25.39
N ALA B 505 -38.35 20.26 25.31
CA ALA B 505 -38.12 18.82 25.12
C ALA B 505 -37.26 18.62 23.87
N TRP B 506 -37.40 19.52 22.88
CA TRP B 506 -36.78 19.37 21.54
C TRP B 506 -35.28 19.69 21.59
N ARG B 507 -34.73 20.06 22.75
CA ARG B 507 -33.30 20.34 22.93
C ARG B 507 -32.51 19.04 22.89
N LYS B 508 -33.17 17.88 22.82
CA LYS B 508 -32.47 16.60 22.51
C LYS B 508 -32.34 16.42 20.98
N ALA B 509 -32.83 17.35 20.16
CA ALA B 509 -32.83 17.23 18.67
C ALA B 509 -31.41 17.40 18.12
N VAL B 510 -31.20 16.83 16.94
CA VAL B 510 -30.04 17.13 16.05
C VAL B 510 -30.47 18.25 15.11
N PHE B 511 -29.60 19.23 14.90
CA PHE B 511 -29.85 20.32 13.92
C PHE B 511 -29.20 19.95 12.59
N ILE B 512 -30.00 19.95 11.53
CA ILE B 512 -29.52 19.59 10.17
C ILE B 512 -29.83 20.76 9.26
N SER B 513 -28.88 21.14 8.42
CA SER B 513 -29.11 22.06 7.28
C SER B 513 -28.28 21.62 6.09
N PRO B 514 -28.51 22.19 4.89
CA PRO B 514 -27.69 21.90 3.71
C PRO B 514 -26.33 22.61 3.65
N TYR B 515 -26.00 23.43 4.65
CA TYR B 515 -24.84 24.36 4.66
C TYR B 515 -24.07 24.28 5.99
N ASN B 516 -22.74 24.12 5.89
CA ASN B 516 -21.83 24.09 7.07
C ASN B 516 -21.86 25.41 7.87
N SER B 517 -22.04 26.55 7.21
CA SER B 517 -22.05 27.87 7.89
C SER B 517 -23.35 28.04 8.68
N GLN B 518 -24.49 27.69 8.10
CA GLN B 518 -25.77 27.61 8.86
C GLN B 518 -25.53 26.75 10.11
N ASN B 519 -24.94 25.56 9.93
CA ASN B 519 -24.67 24.61 11.03
C ASN B 519 -23.79 25.24 12.09
N ALA B 520 -22.76 25.99 11.70
CA ALA B 520 -21.81 26.65 12.61
C ALA B 520 -22.56 27.71 13.46
N VAL B 521 -23.34 28.54 12.79
CA VAL B 521 -24.08 29.64 13.48
C VAL B 521 -25.07 28.99 14.45
N ALA B 522 -25.76 27.93 13.99
CA ALA B 522 -26.78 27.17 14.76
C ALA B 522 -26.17 26.58 16.02
N SER B 523 -24.96 26.02 15.92
CA SER B 523 -24.27 25.31 17.02
C SER B 523 -23.99 26.28 18.18
N LYS B 524 -23.47 27.47 17.84
CA LYS B 524 -23.20 28.59 18.77
C LYS B 524 -24.53 29.04 19.40
N ILE B 525 -25.57 29.29 18.60
CA ILE B 525 -26.85 29.94 19.05
C ILE B 525 -27.81 28.95 19.75
N LEU B 526 -27.87 27.69 19.31
CA LEU B 526 -28.87 26.71 19.81
C LEU B 526 -28.17 25.71 20.72
N GLY B 527 -26.89 25.43 20.47
CA GLY B 527 -26.14 24.40 21.20
C GLY B 527 -26.64 23.00 20.94
N LEU B 528 -27.44 22.79 19.91
CA LEU B 528 -27.77 21.43 19.39
C LEU B 528 -26.56 20.86 18.66
N PRO B 529 -26.38 19.53 18.63
CA PRO B 529 -25.42 18.92 17.71
C PRO B 529 -25.91 19.18 16.27
N THR B 530 -24.98 19.45 15.35
CA THR B 530 -25.29 19.78 13.94
C THR B 530 -24.73 18.71 13.02
N GLN B 531 -25.43 18.48 11.91
CA GLN B 531 -25.01 17.67 10.74
C GLN B 531 -25.43 18.40 9.47
N THR B 532 -24.59 18.42 8.43
CA THR B 532 -25.08 18.74 7.08
C THR B 532 -25.94 17.54 6.66
N VAL B 533 -26.92 17.74 5.77
CA VAL B 533 -27.71 16.60 5.23
C VAL B 533 -26.72 15.52 4.76
N ASP B 534 -25.75 15.93 3.94
CA ASP B 534 -24.70 15.05 3.34
C ASP B 534 -23.97 14.27 4.45
N SER B 535 -23.68 14.87 5.60
CA SER B 535 -22.89 14.17 6.66
C SER B 535 -23.83 13.28 7.45
N SER B 536 -25.13 13.59 7.42
CA SER B 536 -26.22 12.90 8.16
C SER B 536 -26.60 11.57 7.49
N GLN B 537 -26.35 11.40 6.19
CA GLN B 537 -26.76 10.18 5.45
C GLN B 537 -26.25 8.94 6.19
N GLY B 538 -27.15 8.00 6.50
CA GLY B 538 -26.82 6.73 7.19
C GLY B 538 -27.01 6.77 8.71
N SER B 539 -27.08 7.95 9.32
CA SER B 539 -27.31 8.16 10.77
C SER B 539 -28.80 8.29 11.06
N GLU B 540 -29.25 7.97 12.28
CA GLU B 540 -30.64 8.26 12.70
C GLU B 540 -30.64 8.99 14.04
N TYR B 541 -31.64 9.82 14.27
CA TYR B 541 -31.80 10.62 15.52
C TYR B 541 -33.30 10.69 15.84
N ASP B 542 -33.65 10.66 17.12
CA ASP B 542 -35.08 10.67 17.56
C ASP B 542 -35.73 11.92 16.99
N TYR B 543 -35.09 13.07 17.17
CA TYR B 543 -35.62 14.41 16.82
C TYR B 543 -34.61 15.17 15.98
N VAL B 544 -35.10 15.72 14.89
CA VAL B 544 -34.28 16.45 13.89
C VAL B 544 -34.91 17.82 13.75
N ILE B 545 -34.11 18.86 13.75
CA ILE B 545 -34.57 20.21 13.36
C ILE B 545 -33.79 20.59 12.09
N PHE B 546 -34.54 20.83 11.02
CA PHE B 546 -34.01 21.11 9.66
C PHE B 546 -34.37 22.54 9.32
N THR B 547 -33.38 23.36 8.98
CA THR B 547 -33.58 24.69 8.33
C THR B 547 -33.09 24.62 6.87
N GLN B 548 -33.99 24.87 5.91
CA GLN B 548 -33.63 24.76 4.47
C GLN B 548 -32.58 25.83 4.15
N THR B 549 -32.59 26.97 4.83
CA THR B 549 -31.57 28.06 4.74
C THR B 549 -31.77 28.88 3.45
N THR B 550 -31.75 28.20 2.30
CA THR B 550 -31.94 28.80 0.96
C THR B 550 -32.98 27.99 0.17
N GLU B 551 -33.29 28.48 -1.02
CA GLU B 551 -34.20 27.88 -2.02
C GLU B 551 -33.40 27.45 -3.25
N THR B 552 -32.09 27.24 -3.11
CA THR B 552 -31.19 26.91 -4.26
C THR B 552 -31.48 25.51 -4.76
N ALA B 553 -30.92 25.16 -5.91
CA ALA B 553 -30.85 23.79 -6.45
C ALA B 553 -30.31 22.87 -5.35
N HIS B 554 -29.28 23.32 -4.62
CA HIS B 554 -28.59 22.52 -3.58
C HIS B 554 -29.60 22.17 -2.48
N SER B 555 -30.36 23.14 -1.99
CA SER B 555 -31.20 22.97 -0.79
C SER B 555 -32.56 22.36 -1.19
N CYS B 556 -32.86 22.36 -2.49
CA CYS B 556 -34.13 21.84 -3.05
C CYS B 556 -33.90 20.46 -3.69
N ASN B 557 -32.67 19.97 -3.72
CA ASN B 557 -32.39 18.65 -4.33
C ASN B 557 -33.23 17.60 -3.60
N VAL B 558 -34.12 16.93 -4.33
CA VAL B 558 -35.12 16.00 -3.72
C VAL B 558 -34.39 14.88 -2.99
N ASN B 559 -33.24 14.43 -3.45
CA ASN B 559 -32.52 13.32 -2.76
C ASN B 559 -32.00 13.82 -1.42
N ARG B 560 -31.48 15.04 -1.39
CA ARG B 560 -30.93 15.67 -0.18
C ARG B 560 -32.08 15.81 0.80
N PHE B 561 -33.20 16.33 0.32
CA PHE B 561 -34.41 16.56 1.14
C PHE B 561 -34.92 15.21 1.68
N ASN B 562 -34.97 14.20 0.82
CA ASN B 562 -35.30 12.81 1.20
C ASN B 562 -34.41 12.36 2.37
N VAL B 563 -33.10 12.57 2.30
CA VAL B 563 -32.15 12.21 3.41
C VAL B 563 -32.44 13.12 4.62
N ALA B 564 -32.57 14.42 4.44
CA ALA B 564 -32.79 15.37 5.55
C ALA B 564 -33.86 14.80 6.49
N ILE B 565 -35.06 14.48 5.98
CA ILE B 565 -36.26 14.26 6.82
C ILE B 565 -36.38 12.80 7.27
N THR B 566 -35.67 11.87 6.62
CA THR B 566 -35.65 10.43 7.00
C THR B 566 -34.56 10.15 8.05
N ARG B 567 -33.99 11.18 8.67
CA ARG B 567 -33.02 10.99 9.78
C ARG B 567 -33.80 10.77 11.09
N ALA B 568 -35.07 11.21 11.14
CA ALA B 568 -35.92 11.25 12.35
C ALA B 568 -36.57 9.88 12.62
N LYS B 569 -36.47 9.38 13.86
CA LYS B 569 -37.22 8.19 14.35
C LYS B 569 -38.56 8.61 14.96
N VAL B 570 -38.67 9.83 15.48
CA VAL B 570 -39.87 10.23 16.27
C VAL B 570 -40.48 11.55 15.80
N GLY B 571 -39.72 12.64 15.86
CA GLY B 571 -40.23 13.97 15.49
C GLY B 571 -39.24 14.72 14.62
N ILE B 572 -39.75 15.66 13.83
CA ILE B 572 -38.95 16.56 12.96
C ILE B 572 -39.65 17.91 12.93
N LEU B 573 -38.87 18.98 12.91
CA LEU B 573 -39.34 20.33 12.57
C LEU B 573 -38.60 20.76 11.29
N CYS B 574 -39.31 21.13 10.25
CA CYS B 574 -38.74 21.64 8.98
C CYS B 574 -39.10 23.12 8.85
N ILE B 575 -38.10 24.02 8.94
CA ILE B 575 -38.25 25.46 8.59
C ILE B 575 -37.90 25.55 7.11
N MET B 576 -38.91 25.61 6.23
CA MET B 576 -38.74 25.48 4.76
C MET B 576 -38.64 26.86 4.11
N SER B 577 -37.80 26.96 3.08
CA SER B 577 -37.58 28.14 2.22
C SER B 577 -38.36 28.01 0.91
N ASP B 578 -38.52 26.78 0.43
CA ASP B 578 -39.13 26.45 -0.90
C ASP B 578 -40.60 26.09 -0.69
N ARG B 579 -41.51 26.82 -1.32
CA ARG B 579 -42.95 26.55 -1.28
C ARG B 579 -43.23 25.11 -1.79
N ASP B 580 -42.49 24.64 -2.79
CA ASP B 580 -42.74 23.33 -3.45
C ASP B 580 -42.57 22.24 -2.39
N LEU B 581 -41.37 22.08 -1.84
CA LEU B 581 -41.08 21.00 -0.87
C LEU B 581 -41.93 21.19 0.40
N TYR B 582 -42.20 22.43 0.78
CA TYR B 582 -43.05 22.72 1.96
C TYR B 582 -44.41 22.06 1.75
N ASP B 583 -44.98 22.19 0.54
CA ASP B 583 -46.34 21.68 0.21
C ASP B 583 -46.31 20.15 0.14
N LYS B 584 -45.18 19.53 -0.24
CA LYS B 584 -45.01 18.07 -0.31
C LYS B 584 -44.78 17.46 1.08
N LEU B 585 -44.44 18.27 2.09
CA LEU B 585 -44.31 17.78 3.49
C LEU B 585 -45.71 17.51 4.04
N GLN B 586 -46.00 16.24 4.34
CA GLN B 586 -47.29 15.80 4.96
C GLN B 586 -47.16 15.91 6.48
N PHE B 587 -46.97 17.14 6.96
CA PHE B 587 -46.66 17.51 8.36
C PHE B 587 -47.65 18.57 8.80
N THR B 588 -47.81 18.72 10.11
CA THR B 588 -48.61 19.79 10.74
C THR B 588 -47.94 21.13 10.41
N SER B 589 -48.67 22.07 9.84
CA SER B 589 -48.13 23.44 9.63
C SER B 589 -48.21 24.18 10.96
N LEU B 590 -47.21 25.01 11.24
CA LEU B 590 -47.12 25.87 12.45
C LEU B 590 -47.12 27.33 12.00
N GLU B 591 -47.93 28.19 12.62
CA GLU B 591 -47.85 29.66 12.40
C GLU B 591 -46.46 30.12 12.84
N ILE B 592 -45.98 31.21 12.25
CA ILE B 592 -44.72 31.93 12.60
C ILE B 592 -45.04 33.00 13.63
N PRO B 593 -44.37 33.02 14.81
CA PRO B 593 -44.51 34.15 15.74
C PRO B 593 -43.72 35.37 15.24
ZN ZN C . -10.65 -39.03 26.16
ZN ZN D . 4.55 -29.70 13.31
ZN ZN E . 3.25 -35.57 1.95
P PO4 F . 29.77 -0.88 -7.81
O1 PO4 F . 30.70 0.03 -8.64
O2 PO4 F . 30.06 -0.71 -6.34
O3 PO4 F . 30.03 -2.34 -8.24
O4 PO4 F . 28.32 -0.51 -8.08
P PO4 G . 29.91 -2.33 -2.94
O1 PO4 G . 31.11 -1.40 -2.83
O2 PO4 G . 30.30 -3.58 -3.71
O3 PO4 G . 29.42 -2.71 -1.53
O4 PO4 G . 28.79 -1.62 -3.69
N1 VXG H . -22.94 24.80 -1.22
C4 VXG H . -22.56 21.67 0.80
C5 VXG H . -22.93 21.25 2.07
C6 VXG H . -22.72 19.94 2.48
C7 VXG H . -22.14 19.03 1.63
C8 VXG H . -21.76 19.43 0.37
C10 VXG H . -23.11 23.34 -1.10
C13 VXG H . -22.08 25.31 -0.14
O1 VXG H . -20.30 23.75 2.52
C1 VXG H . -21.31 24.24 2.06
C2 VXG H . -21.61 24.04 0.58
C3 VXG H . -22.79 23.10 0.37
C9 VXG H . -21.96 20.74 -0.05
C11 VXG H . -23.50 25.53 -2.20
C12 VXG H . -23.17 27.00 -2.28
O2 VXG H . -24.26 25.02 -3.02
O3 VXG H . -22.12 24.86 2.71
ZN ZN I . -6.39 13.72 -26.71
ZN ZN J . -9.00 2.58 -32.65
ZN ZN K . 11.55 21.34 -36.94
P PO4 L . -30.92 0.97 6.89
O1 PO4 L . -29.51 0.38 6.87
O2 PO4 L . -30.90 2.48 7.09
O3 PO4 L . -31.70 0.33 8.02
O4 PO4 L . -31.61 0.64 5.60
P PO4 M . -30.15 5.38 5.25
O1 PO4 M . -29.34 4.41 6.03
O2 PO4 M . -29.26 6.55 4.77
O3 PO4 M . -31.25 5.94 6.10
O4 PO4 M . -30.72 4.68 4.03
#